data_4P87
#
_entry.id   4P87
#
_cell.length_a   121.731
_cell.length_b   121.731
_cell.length_c   155.829
_cell.angle_alpha   90.00
_cell.angle_beta   90.00
_cell.angle_gamma   90.00
#
_symmetry.space_group_name_H-M   'I 4'
#
loop_
_entity.id
_entity.type
_entity.pdbx_description
1 polymer Est-Y29
2 non-polymer '4-NITROPHENYL PHOSPHATE'
3 water water
#
_entity_poly.entity_id   1
_entity_poly.type   'polypeptide(L)'
_entity_poly.pdbx_seq_one_letter_code
;MRGSHHHHHHGSMPDLLTNVAENYVNQDLFAGIEWRIDQDGKPIFQGCAGVKDIETRTFIPKNAIYRIYSMTKPIVSFLA
MMLIERGVFRLSSPIQNFDPRFKSMKVIDQHAHIEPATALITIEHLLTHQAGFSYDFSLGCPISAHYRDAQLIEDGGRDL
TDMMGVLAELPLVFHPGTQWKYSISTDVLAHIIECATGERVDDLLQRLIFDPLDMQDTGFSLPLDGASRLMEVYGMRSLH
GLPALKPAPHVLVPADLGSSHPTDDPDFRRGGHGLYSTLDDYMAFANMLLSGQTPEGETLLSPAVLKLALAPRVHFGARG
MRINDEPFAGYSWNLLGRVMTDVGAAAYATHLGEFGWSGAAATYFWVDPTKNMTGCVMTQFLGSQHPIGSDMQAAAMSML
G
;
_entity_poly.pdbx_strand_id   A,B
#
loop_
_chem_comp.id
_chem_comp.type
_chem_comp.name
_chem_comp.formula
4NP non-polymer '4-NITROPHENYL PHOSPHATE' 'C6 H6 N O6 P'
#
# COMPACT_ATOMS: atom_id res chain seq x y z
N SER A 12 -34.20 -22.90 32.53
CA SER A 12 -34.17 -24.13 31.70
C SER A 12 -33.21 -24.05 30.51
N MET A 13 -33.04 -22.88 29.91
CA MET A 13 -31.92 -22.72 28.96
C MET A 13 -30.65 -23.03 29.75
N PRO A 14 -29.77 -23.89 29.21
CA PRO A 14 -28.52 -24.17 29.94
C PRO A 14 -27.51 -23.04 29.82
N ASP A 15 -26.41 -23.14 30.56
CA ASP A 15 -25.39 -22.11 30.57
C ASP A 15 -24.48 -22.22 29.35
N LEU A 16 -24.92 -21.59 28.27
CA LEU A 16 -24.20 -21.64 27.00
C LEU A 16 -22.93 -20.83 27.09
N LEU A 17 -22.91 -19.85 27.98
CA LEU A 17 -21.73 -18.99 28.15
C LEU A 17 -20.54 -19.79 28.64
N THR A 18 -20.75 -20.50 29.74
CA THR A 18 -19.73 -21.40 30.26
C THR A 18 -19.33 -22.46 29.25
N ASN A 19 -20.32 -23.02 28.54
CA ASN A 19 -19.99 -24.01 27.53
C ASN A 19 -19.03 -23.46 26.46
N VAL A 20 -19.33 -22.27 25.96
CA VAL A 20 -18.46 -21.65 24.94
C VAL A 20 -17.03 -21.43 25.47
N ALA A 21 -16.92 -20.85 26.64
CA ALA A 21 -15.64 -20.48 27.25
C ALA A 21 -14.79 -21.70 27.52
N GLU A 22 -15.46 -22.68 28.10
CA GLU A 22 -14.87 -23.95 28.41
C GLU A 22 -14.32 -24.71 27.23
N ASN A 23 -15.10 -24.82 26.18
CA ASN A 23 -14.65 -25.45 24.98
C ASN A 23 -13.41 -24.74 24.45
N TYR A 24 -13.43 -23.42 24.44
CA TYR A 24 -12.31 -22.66 23.89
C TYR A 24 -11.03 -22.93 24.66
N VAL A 25 -11.15 -23.00 25.98
CA VAL A 25 -10.00 -23.29 26.83
C VAL A 25 -9.56 -24.75 26.66
N ASN A 26 -10.52 -25.68 26.65
CA ASN A 26 -10.23 -27.11 26.54
C ASN A 26 -9.68 -27.48 25.18
N GLN A 27 -9.94 -26.63 24.19
CA GLN A 27 -9.47 -26.83 22.83
C GLN A 27 -8.13 -26.16 22.61
N ASP A 28 -7.55 -25.62 23.69
CA ASP A 28 -6.27 -24.89 23.63
C ASP A 28 -6.31 -23.70 22.67
N LEU A 29 -7.44 -23.00 22.63
CA LEU A 29 -7.59 -21.89 21.69
C LEU A 29 -7.40 -20.54 22.38
N PHE A 30 -7.77 -20.48 23.66
CA PHE A 30 -7.48 -19.32 24.49
C PHE A 30 -6.93 -19.81 25.83
N ALA A 31 -6.03 -19.03 26.43
CA ALA A 31 -5.44 -19.40 27.73
C ALA A 31 -6.43 -19.25 28.86
N GLY A 32 -7.03 -18.07 28.96
CA GLY A 32 -7.94 -17.74 30.05
C GLY A 32 -8.99 -16.75 29.58
N ILE A 33 -10.19 -16.91 30.09
CA ILE A 33 -11.35 -16.11 29.69
C ILE A 33 -12.17 -15.81 30.91
N GLU A 34 -12.56 -14.54 31.07
CA GLU A 34 -13.54 -14.13 32.08
C GLU A 34 -14.71 -13.39 31.40
N TRP A 35 -15.90 -13.50 31.98
CA TRP A 35 -17.05 -12.81 31.39
C TRP A 35 -18.05 -12.49 32.47
N ARG A 36 -18.84 -11.45 32.22
CA ARG A 36 -19.94 -11.08 33.06
C ARG A 36 -21.03 -10.44 32.22
N ILE A 37 -22.27 -10.82 32.52
CA ILE A 37 -23.44 -10.22 31.92
C ILE A 37 -24.31 -9.65 33.05
N ASP A 38 -24.65 -8.37 32.93
CA ASP A 38 -25.50 -7.70 33.92
C ASP A 38 -26.84 -7.36 33.31
N GLN A 39 -27.87 -7.31 34.15
CA GLN A 39 -29.15 -6.84 33.72
C GLN A 39 -29.68 -5.98 34.82
N ASP A 40 -30.22 -4.84 34.43
CA ASP A 40 -30.65 -3.82 35.38
C ASP A 40 -29.53 -3.44 36.33
N GLY A 41 -28.29 -3.46 35.83
CA GLY A 41 -27.13 -3.00 36.59
C GLY A 41 -26.59 -4.01 37.60
N LYS A 42 -27.08 -5.23 37.58
CA LYS A 42 -26.64 -6.26 38.51
C LYS A 42 -26.24 -7.53 37.78
N PRO A 43 -25.19 -8.20 38.25
CA PRO A 43 -24.70 -9.38 37.52
C PRO A 43 -25.76 -10.44 37.45
N ILE A 44 -25.97 -11.02 36.28
CA ILE A 44 -26.90 -12.13 36.17
C ILE A 44 -26.21 -13.44 35.73
N PHE A 45 -25.21 -13.36 34.85
CA PHE A 45 -24.34 -14.51 34.56
C PHE A 45 -22.87 -14.06 34.66
N GLN A 46 -21.98 -14.96 35.09
CA GLN A 46 -20.57 -14.67 35.13
C GLN A 46 -19.76 -15.94 35.23
N GLY A 47 -18.47 -15.86 34.90
CA GLY A 47 -17.64 -17.03 35.07
C GLY A 47 -16.21 -16.77 34.66
N CYS A 48 -15.38 -17.79 34.81
CA CYS A 48 -14.04 -17.75 34.30
C CYS A 48 -13.64 -19.14 33.86
N ALA A 49 -12.68 -19.21 32.95
CA ALA A 49 -12.20 -20.46 32.41
C ALA A 49 -10.72 -20.35 32.07
N GLY A 50 -9.97 -21.41 32.30
CA GLY A 50 -8.56 -21.42 31.96
C GLY A 50 -7.71 -20.78 33.04
N VAL A 51 -6.56 -20.25 32.62
CA VAL A 51 -5.52 -19.81 33.54
C VAL A 51 -4.97 -18.46 33.08
N LYS A 52 -4.19 -17.80 33.94
CA LYS A 52 -3.51 -16.55 33.58
C LYS A 52 -2.52 -16.75 32.43
N ASP A 53 -1.77 -17.83 32.51
CA ASP A 53 -0.76 -18.13 31.50
C ASP A 53 -0.56 -19.62 31.42
N ILE A 54 -0.30 -20.07 30.21
CA ILE A 54 -0.26 -21.48 29.91
C ILE A 54 1.10 -22.08 30.25
N GLU A 55 2.13 -21.26 30.22
CA GLU A 55 3.48 -21.71 30.54
C GLU A 55 3.54 -22.21 31.99
N THR A 56 2.89 -21.48 32.88
CA THR A 56 2.97 -21.64 34.32
C THR A 56 1.68 -22.28 34.86
N ARG A 57 0.58 -22.07 34.14
CA ARG A 57 -0.76 -22.45 34.57
C ARG A 57 -1.19 -21.81 35.88
N THR A 58 -0.59 -20.67 36.22
CA THR A 58 -1.07 -19.87 37.34
C THR A 58 -2.57 -19.59 37.14
N PHE A 59 -3.35 -19.64 38.22
CA PHE A 59 -4.78 -19.40 38.07
C PHE A 59 -5.04 -17.93 37.78
N ILE A 60 -6.15 -17.65 37.10
CA ILE A 60 -6.57 -16.28 36.86
C ILE A 60 -6.70 -15.55 38.18
N PRO A 61 -5.91 -14.49 38.36
CA PRO A 61 -5.94 -13.81 39.66
C PRO A 61 -7.24 -13.05 39.90
N LYS A 62 -7.47 -12.67 41.14
CA LYS A 62 -8.55 -11.75 41.44
C LYS A 62 -8.28 -10.40 40.74
N ASN A 63 -9.34 -9.76 40.25
CA ASN A 63 -9.19 -8.52 39.48
C ASN A 63 -8.10 -8.64 38.39
N ALA A 64 -8.20 -9.66 37.55
CA ALA A 64 -7.23 -9.85 36.48
C ALA A 64 -7.25 -8.66 35.52
N ILE A 65 -6.07 -8.30 35.01
CA ILE A 65 -5.90 -7.13 34.15
C ILE A 65 -5.66 -7.53 32.69
N TYR A 66 -6.35 -6.84 31.77
CA TYR A 66 -6.28 -7.12 30.33
C TYR A 66 -5.91 -5.88 29.56
N ARG A 67 -5.14 -6.08 28.49
CA ARG A 67 -4.97 -5.04 27.49
C ARG A 67 -6.24 -5.02 26.62
N ILE A 68 -7.01 -3.95 26.71
CA ILE A 68 -8.30 -3.92 26.01
C ILE A 68 -8.24 -3.32 24.60
N TYR A 69 -7.06 -2.84 24.20
CA TYR A 69 -6.90 -2.30 22.85
C TYR A 69 -8.05 -1.36 22.47
N SER A 70 -8.77 -1.63 21.36
CA SER A 70 -9.74 -0.64 20.84
C SER A 70 -10.99 -0.48 21.69
N MET A 71 -11.10 -1.22 22.77
CA MET A 71 -12.14 -0.92 23.74
C MET A 71 -11.77 0.35 24.48
N THR A 72 -10.59 0.86 24.17
CA THR A 72 -10.24 2.23 24.54
C THR A 72 -11.10 3.23 23.77
N LYS A 73 -11.49 2.87 22.55
CA LYS A 73 -12.16 3.88 21.69
C LYS A 73 -13.50 4.39 22.22
N PRO A 74 -14.36 3.49 22.70
CA PRO A 74 -15.63 4.02 23.24
C PRO A 74 -15.44 4.92 24.46
N ILE A 75 -14.38 4.68 25.23
CA ILE A 75 -14.08 5.50 26.41
C ILE A 75 -13.65 6.93 26.04
N VAL A 76 -12.69 7.04 25.12
CA VAL A 76 -12.20 8.34 24.65
C VAL A 76 -13.31 9.07 23.88
N SER A 77 -14.07 8.33 23.06
CA SER A 77 -15.24 8.90 22.40
C SER A 77 -16.24 9.47 23.42
N PHE A 78 -16.52 8.72 24.49
CA PHE A 78 -17.45 9.22 25.50
C PHE A 78 -16.92 10.51 26.17
N LEU A 79 -15.62 10.56 26.46
CA LEU A 79 -15.00 11.77 26.99
C LEU A 79 -15.21 12.93 26.01
N ALA A 80 -14.97 12.70 24.72
CA ALA A 80 -15.28 13.73 23.71
C ALA A 80 -16.71 14.24 23.80
N MET A 81 -17.68 13.34 23.96
CA MET A 81 -19.07 13.78 24.09
C MET A 81 -19.29 14.64 25.35
N MET A 82 -18.65 14.26 26.46
CA MET A 82 -18.74 15.09 27.69
C MET A 82 -18.19 16.48 27.45
N LEU A 83 -17.09 16.57 26.70
CA LEU A 83 -16.51 17.87 26.43
C LEU A 83 -17.38 18.68 25.49
N ILE A 84 -18.05 17.99 24.57
CA ILE A 84 -19.01 18.68 23.70
C ILE A 84 -20.14 19.24 24.55
N GLU A 85 -20.67 18.42 25.44
CA GLU A 85 -21.75 18.87 26.32
C GLU A 85 -21.33 20.09 27.13
N ARG A 86 -20.07 20.09 27.55
CA ARG A 86 -19.49 21.18 28.35
C ARG A 86 -19.02 22.39 27.54
N GLY A 87 -19.05 22.28 26.22
CA GLY A 87 -18.79 23.45 25.36
C GLY A 87 -17.35 23.66 24.94
N VAL A 88 -16.48 22.69 25.21
CA VAL A 88 -15.08 22.77 24.80
C VAL A 88 -14.94 22.81 23.27
N PHE A 89 -15.73 21.97 22.60
CA PHE A 89 -15.78 22.03 21.15
C PHE A 89 -17.12 21.46 20.65
N ARG A 90 -17.32 21.40 19.35
CA ARG A 90 -18.56 20.81 18.84
C ARG A 90 -18.27 19.80 17.74
N LEU A 91 -19.28 19.02 17.35
CA LEU A 91 -19.08 17.99 16.33
C LEU A 91 -18.57 18.58 15.04
N SER A 92 -19.01 19.80 14.74
CA SER A 92 -18.62 20.47 13.49
C SER A 92 -17.30 21.24 13.59
N SER A 93 -16.67 21.29 14.77
CA SER A 93 -15.40 22.06 14.92
C SER A 93 -14.30 21.49 14.03
N PRO A 94 -13.68 22.31 13.17
CA PRO A 94 -12.54 21.80 12.43
C PRO A 94 -11.34 21.56 13.37
N ILE A 95 -10.72 20.38 13.30
CA ILE A 95 -9.61 20.07 14.19
C ILE A 95 -8.41 21.01 14.01
N GLN A 96 -8.23 21.55 12.80
CA GLN A 96 -7.15 22.50 12.56
C GLN A 96 -7.26 23.75 13.44
N ASN A 97 -8.43 24.01 14.01
CA ASN A 97 -8.60 25.17 14.91
C ASN A 97 -7.80 24.95 16.21
N PHE A 98 -7.54 23.69 16.53
CA PHE A 98 -6.88 23.32 17.78
C PHE A 98 -5.44 22.91 17.52
N ASP A 99 -5.18 22.35 16.35
CA ASP A 99 -3.80 22.04 15.95
C ASP A 99 -3.56 22.38 14.47
N PRO A 100 -2.86 23.49 14.21
CA PRO A 100 -2.62 23.95 12.84
C PRO A 100 -1.80 22.98 12.01
N ARG A 101 -1.17 22.00 12.63
CA ARG A 101 -0.48 20.94 11.86
C ARG A 101 -1.44 20.17 10.96
N PHE A 102 -2.73 20.19 11.28
CA PHE A 102 -3.74 19.50 10.45
C PHE A 102 -4.44 20.42 9.45
N LYS A 103 -3.84 21.59 9.22
CA LYS A 103 -4.28 22.47 8.15
C LYS A 103 -3.65 21.92 6.86
N SER A 104 -4.30 22.12 5.72
CA SER A 104 -3.72 21.70 4.43
C SER A 104 -3.38 20.22 4.33
N MET A 105 -4.37 19.36 4.56
CA MET A 105 -4.19 17.94 4.40
C MET A 105 -4.22 17.61 2.91
N LYS A 106 -3.56 16.52 2.53
CA LYS A 106 -3.66 15.98 1.20
C LYS A 106 -4.32 14.61 1.22
N VAL A 107 -4.70 14.16 0.03
CA VAL A 107 -5.42 12.91 -0.13
C VAL A 107 -4.69 12.13 -1.20
N ILE A 108 -4.34 10.89 -0.89
CA ILE A 108 -3.67 10.04 -1.84
C ILE A 108 -4.65 8.98 -2.35
N ASP A 109 -4.44 8.48 -3.57
CA ASP A 109 -5.26 7.36 -4.03
C ASP A 109 -4.40 6.17 -4.48
N GLN A 110 -5.08 5.08 -4.87
CA GLN A 110 -4.42 3.82 -5.24
C GLN A 110 -3.71 3.94 -6.58
N HIS A 111 -3.89 5.05 -7.27
CA HIS A 111 -3.22 5.25 -8.55
C HIS A 111 -2.09 6.28 -8.42
N ALA A 112 -1.59 6.48 -7.20
CA ALA A 112 -0.43 7.34 -6.96
C ALA A 112 -0.74 8.84 -7.05
N HIS A 113 -2.02 9.18 -7.21
CA HIS A 113 -2.41 10.58 -7.38
C HIS A 113 -2.62 11.22 -6.00
N ILE A 114 -1.98 12.37 -5.81
CA ILE A 114 -2.13 13.15 -4.58
C ILE A 114 -2.77 14.52 -4.89
N GLU A 115 -3.71 14.97 -4.06
CA GLU A 115 -4.33 16.29 -4.28
C GLU A 115 -4.71 16.85 -2.92
N PRO A 116 -4.96 18.17 -2.82
CA PRO A 116 -5.40 18.73 -1.54
C PRO A 116 -6.78 18.23 -1.14
N ALA A 117 -6.99 18.05 0.17
CA ALA A 117 -8.31 17.72 0.70
C ALA A 117 -9.31 18.83 0.38
N THR A 118 -10.52 18.46 -0.03
CA THR A 118 -11.53 19.46 -0.34
C THR A 118 -12.45 19.80 0.83
N ALA A 119 -12.17 19.23 2.00
CA ALA A 119 -12.96 19.51 3.20
C ALA A 119 -12.07 19.43 4.45
N LEU A 120 -12.37 20.26 5.44
CA LEU A 120 -11.63 20.21 6.70
C LEU A 120 -12.08 19.01 7.54
N ILE A 121 -11.14 18.40 8.24
CA ILE A 121 -11.47 17.33 9.19
C ILE A 121 -12.12 17.94 10.43
N THR A 122 -13.25 17.38 10.84
CA THR A 122 -13.94 17.83 12.04
C THR A 122 -13.88 16.79 13.15
N ILE A 123 -14.26 17.23 14.36
CA ILE A 123 -14.45 16.34 15.49
C ILE A 123 -15.38 15.18 15.11
N GLU A 124 -16.51 15.50 14.48
CA GLU A 124 -17.39 14.45 14.02
C GLU A 124 -16.65 13.44 13.13
N HIS A 125 -15.90 13.90 12.13
CA HIS A 125 -15.16 12.96 11.28
C HIS A 125 -14.29 11.99 12.08
N LEU A 126 -13.59 12.49 13.11
CA LEU A 126 -12.71 11.64 13.92
C LEU A 126 -13.51 10.56 14.65
N LEU A 127 -14.63 10.95 15.26
CA LEU A 127 -15.48 10.01 16.03
C LEU A 127 -16.15 8.99 15.10
N THR A 128 -16.32 9.33 13.82
CA THR A 128 -17.00 8.40 12.90
C THR A 128 -16.05 7.66 11.97
N HIS A 129 -14.74 7.83 12.14
CA HIS A 129 -13.77 7.27 11.20
C HIS A 129 -14.02 7.65 9.76
N GLN A 130 -14.48 8.88 9.55
CA GLN A 130 -14.72 9.38 8.19
C GLN A 130 -13.74 10.50 7.88
N ALA A 131 -12.67 10.62 8.65
CA ALA A 131 -11.68 11.70 8.43
C ALA A 131 -10.71 11.39 7.28
N GLY A 132 -10.52 10.09 6.98
CA GLY A 132 -9.65 9.69 5.87
C GLY A 132 -8.33 9.14 6.34
N PHE A 133 -8.17 9.06 7.65
CA PHE A 133 -6.99 8.43 8.24
C PHE A 133 -7.08 6.93 8.01
N SER A 134 -5.96 6.24 8.22
CA SER A 134 -5.94 4.80 8.10
C SER A 134 -5.28 4.16 9.34
N TYR A 135 -4.61 3.03 9.16
CA TYR A 135 -3.91 2.35 10.25
C TYR A 135 -2.74 1.60 9.67
N ASP A 136 -1.66 1.47 10.45
CA ASP A 136 -0.41 0.82 9.99
C ASP A 136 -0.61 -0.59 9.44
N PHE A 137 -1.55 -1.33 10.00
CA PHE A 137 -1.72 -2.75 9.67
C PHE A 137 -2.71 -2.96 8.53
N SER A 138 -3.18 -1.86 7.93
CA SER A 138 -4.22 -1.97 6.92
C SER A 138 -3.68 -2.54 5.61
N LEU A 139 -4.20 -3.72 5.24
CA LEU A 139 -3.74 -4.42 4.04
C LEU A 139 -4.26 -3.73 2.79
N GLY A 140 -3.36 -3.47 1.83
CA GLY A 140 -3.78 -2.94 0.51
C GLY A 140 -4.01 -1.43 0.50
N CYS A 141 -3.80 -0.81 1.66
CA CYS A 141 -4.07 0.61 1.85
C CYS A 141 -3.07 1.50 1.09
N PRO A 142 -3.55 2.58 0.46
CA PRO A 142 -2.68 3.51 -0.25
C PRO A 142 -1.66 4.22 0.64
N ILE A 143 -1.89 4.26 1.95
CA ILE A 143 -0.94 4.98 2.81
C ILE A 143 -0.33 4.16 3.98
N SER A 144 -0.87 2.99 4.30
CA SER A 144 -0.39 2.28 5.50
C SER A 144 1.12 2.01 5.48
N ALA A 145 1.71 1.86 4.29
CA ALA A 145 3.16 1.70 4.20
C ALA A 145 3.90 2.87 4.85
N HIS A 146 3.39 4.08 4.63
CA HIS A 146 4.00 5.26 5.20
C HIS A 146 3.79 5.35 6.72
N TYR A 147 2.64 4.85 7.21
CA TYR A 147 2.42 4.74 8.66
C TYR A 147 3.45 3.81 9.30
N ARG A 148 3.68 2.64 8.70
CA ARG A 148 4.65 1.68 9.22
C ARG A 148 6.07 2.24 9.18
N ASP A 149 6.42 2.91 8.09
CA ASP A 149 7.75 3.52 8.02
C ASP A 149 7.91 4.49 9.18
N ALA A 150 6.83 5.22 9.47
CA ALA A 150 6.82 6.22 10.55
C ALA A 150 6.71 5.59 11.94
N GLN A 151 6.42 4.30 12.00
CA GLN A 151 6.27 3.58 13.27
C GLN A 151 5.20 4.15 14.19
N LEU A 152 4.08 4.58 13.60
CA LEU A 152 3.04 5.24 14.38
C LEU A 152 2.57 4.36 15.54
N ILE A 153 2.21 3.12 15.23
CA ILE A 153 1.80 2.14 16.24
C ILE A 153 2.96 1.48 16.98
N GLU A 154 4.04 1.18 16.26
CA GLU A 154 5.16 0.43 16.83
C GLU A 154 5.85 1.18 17.98
N ASP A 155 6.04 2.48 17.81
CA ASP A 155 6.77 3.31 18.76
C ASP A 155 5.89 3.82 19.89
N GLY A 156 5.56 2.94 20.84
CA GLY A 156 4.71 3.31 21.97
C GLY A 156 5.35 4.31 22.92
N GLY A 157 6.68 4.34 22.94
CA GLY A 157 7.42 5.27 23.81
C GLY A 157 7.35 6.73 23.35
N ARG A 158 6.95 6.97 22.10
CA ARG A 158 6.85 8.33 21.60
C ARG A 158 5.64 9.06 22.18
N ASP A 159 5.82 10.28 22.65
CA ASP A 159 4.69 11.01 23.18
C ASP A 159 3.57 11.15 22.12
N LEU A 160 2.32 11.03 22.57
CA LEU A 160 1.15 11.28 21.71
C LEU A 160 1.31 12.54 20.86
N THR A 161 1.71 13.65 21.50
CA THR A 161 1.86 14.92 20.80
C THR A 161 2.87 14.83 19.64
N ASP A 162 4.00 14.18 19.87
CA ASP A 162 5.01 14.03 18.82
C ASP A 162 4.55 13.04 17.74
N MET A 163 3.88 11.98 18.12
CA MET A 163 3.42 11.04 17.10
C MET A 163 2.43 11.74 16.16
N MET A 164 1.59 12.58 16.72
CA MET A 164 0.63 13.31 15.92
C MET A 164 1.29 14.27 14.93
N GLY A 165 2.41 14.87 15.29
CA GLY A 165 3.15 15.72 14.31
C GLY A 165 3.61 14.92 13.10
N VAL A 166 4.02 13.66 13.32
CA VAL A 166 4.47 12.81 12.22
C VAL A 166 3.29 12.35 11.36
N LEU A 167 2.21 11.91 12.00
CA LEU A 167 0.98 11.55 11.28
C LEU A 167 0.45 12.71 10.43
N ALA A 168 0.44 13.92 10.99
CA ALA A 168 -0.17 15.07 10.33
C ALA A 168 0.43 15.38 8.96
N GLU A 169 1.65 14.92 8.73
CA GLU A 169 2.35 15.22 7.47
C GLU A 169 1.96 14.25 6.36
N LEU A 170 1.27 13.16 6.72
CA LEU A 170 0.93 12.14 5.75
C LEU A 170 -0.40 12.42 5.06
N PRO A 171 -0.57 11.97 3.83
CA PRO A 171 -1.89 12.19 3.24
C PRO A 171 -2.95 11.25 3.79
N LEU A 172 -4.19 11.67 3.63
CA LEU A 172 -5.37 10.86 3.93
C LEU A 172 -5.65 9.96 2.74
N VAL A 173 -6.54 8.99 2.92
CA VAL A 173 -6.89 8.11 1.80
C VAL A 173 -8.27 8.39 1.18
N PHE A 174 -8.97 9.40 1.68
CA PHE A 174 -10.14 9.94 0.96
C PHE A 174 -10.44 11.32 1.52
N HIS A 175 -11.33 12.07 0.87
CA HIS A 175 -11.64 13.42 1.34
C HIS A 175 -12.52 13.36 2.58
N PRO A 176 -12.18 14.14 3.62
CA PRO A 176 -12.93 14.06 4.87
C PRO A 176 -14.45 14.10 4.66
N GLY A 177 -15.15 13.15 5.29
CA GLY A 177 -16.60 13.11 5.24
C GLY A 177 -17.17 12.20 4.17
N THR A 178 -16.36 11.76 3.22
CA THR A 178 -16.91 11.11 2.04
C THR A 178 -16.94 9.58 2.07
N GLN A 179 -16.21 8.97 3.00
CA GLN A 179 -16.15 7.51 3.11
C GLN A 179 -15.90 7.12 4.56
N TRP A 180 -15.83 5.82 4.83
CA TRP A 180 -15.57 5.30 6.16
C TRP A 180 -14.40 4.33 6.11
N LYS A 181 -13.46 4.49 7.03
CA LYS A 181 -12.41 3.48 7.18
C LYS A 181 -11.91 3.53 8.59
N TYR A 182 -11.97 2.39 9.26
CA TYR A 182 -11.53 2.28 10.65
C TYR A 182 -10.06 2.70 10.74
N SER A 183 -9.73 3.53 11.73
CA SER A 183 -8.49 4.28 11.64
C SER A 183 -7.92 4.76 12.98
N ILE A 184 -6.76 5.41 12.86
CA ILE A 184 -6.04 6.03 13.96
C ILE A 184 -6.74 7.32 14.40
N SER A 185 -7.92 7.63 13.83
CA SER A 185 -8.56 8.93 14.13
C SER A 185 -8.94 9.13 15.61
N THR A 186 -9.10 8.04 16.38
CA THR A 186 -9.45 8.19 17.78
C THR A 186 -8.20 8.70 18.54
N ASP A 187 -7.01 8.33 18.06
CA ASP A 187 -5.77 8.88 18.62
C ASP A 187 -5.68 10.35 18.28
N VAL A 188 -6.05 10.72 17.05
CA VAL A 188 -6.11 12.14 16.70
C VAL A 188 -7.09 12.88 17.63
N LEU A 189 -8.22 12.24 17.91
CA LEU A 189 -9.21 12.84 18.81
C LEU A 189 -8.63 13.05 20.23
N ALA A 190 -7.94 12.04 20.75
CA ALA A 190 -7.34 12.17 22.08
C ALA A 190 -6.41 13.39 22.07
N HIS A 191 -5.61 13.50 21.02
CA HIS A 191 -4.69 14.62 20.88
C HIS A 191 -5.40 15.97 20.79
N ILE A 192 -6.47 16.04 19.99
CA ILE A 192 -7.23 17.28 19.83
C ILE A 192 -7.91 17.66 21.14
N ILE A 193 -8.34 16.66 21.88
CA ILE A 193 -8.86 16.93 23.19
C ILE A 193 -7.78 17.65 24.03
N GLU A 194 -6.53 17.18 23.96
CA GLU A 194 -5.47 17.82 24.76
C GLU A 194 -5.22 19.25 24.28
N CYS A 195 -5.24 19.43 22.97
CA CYS A 195 -5.04 20.76 22.39
C CYS A 195 -6.14 21.72 22.84
N ALA A 196 -7.37 21.26 22.80
CA ALA A 196 -8.52 22.12 23.09
C ALA A 196 -8.60 22.50 24.56
N THR A 197 -8.22 21.58 25.44
CA THR A 197 -8.39 21.81 26.88
C THR A 197 -7.12 22.29 27.58
N GLY A 198 -5.95 22.08 26.97
CA GLY A 198 -4.69 22.33 27.67
C GLY A 198 -4.41 21.30 28.78
N GLU A 199 -5.17 20.20 28.81
CA GLU A 199 -4.91 19.13 29.79
C GLU A 199 -4.50 17.82 29.11
N ARG A 200 -4.07 16.83 29.87
CA ARG A 200 -3.73 15.54 29.29
C ARG A 200 -4.94 14.61 29.24
N VAL A 201 -5.02 13.81 28.19
CA VAL A 201 -6.17 12.92 28.01
C VAL A 201 -6.28 11.90 29.14
N ASP A 202 -5.14 11.43 29.67
CA ASP A 202 -5.19 10.46 30.76
C ASP A 202 -5.74 11.05 32.07
N ASP A 203 -5.39 12.30 32.37
CA ASP A 203 -5.94 12.98 33.54
C ASP A 203 -7.42 13.26 33.36
N LEU A 204 -7.81 13.68 32.16
CA LEU A 204 -9.21 13.98 31.90
C LEU A 204 -10.05 12.72 32.06
N LEU A 205 -9.53 11.60 31.55
CA LEU A 205 -10.21 10.31 31.69
C LEU A 205 -10.34 9.93 33.16
N GLN A 206 -9.25 10.10 33.91
CA GLN A 206 -9.23 9.78 35.34
C GLN A 206 -10.30 10.55 36.12
N ARG A 207 -10.31 11.87 35.96
CA ARG A 207 -11.25 12.75 36.66
C ARG A 207 -12.69 12.68 36.18
N LEU A 208 -12.92 12.60 34.87
CA LEU A 208 -14.30 12.69 34.37
C LEU A 208 -15.02 11.35 34.28
N ILE A 209 -14.25 10.27 34.14
CA ILE A 209 -14.83 8.96 33.92
C ILE A 209 -14.44 7.88 34.96
N PHE A 210 -13.15 7.60 35.09
CA PHE A 210 -12.72 6.47 35.92
C PHE A 210 -13.05 6.66 37.41
N ASP A 211 -12.70 7.84 37.94
CA ASP A 211 -12.99 8.11 39.35
C ASP A 211 -14.48 8.05 39.66
N PRO A 212 -15.30 8.78 38.90
CA PRO A 212 -16.74 8.75 39.21
C PRO A 212 -17.36 7.37 39.13
N LEU A 213 -16.79 6.49 38.29
CA LEU A 213 -17.33 5.13 38.12
C LEU A 213 -16.56 4.10 38.94
N ASP A 214 -15.63 4.57 39.77
CA ASP A 214 -14.81 3.70 40.60
C ASP A 214 -14.08 2.64 39.79
N MET A 215 -13.60 3.02 38.61
CA MET A 215 -12.76 2.14 37.81
C MET A 215 -11.30 2.37 38.20
N GLN A 216 -10.90 1.76 39.32
CA GLN A 216 -9.59 2.02 39.94
C GLN A 216 -8.45 1.29 39.25
N ASP A 217 -8.77 0.30 38.43
CA ASP A 217 -7.72 -0.47 37.78
C ASP A 217 -7.56 -0.13 36.30
N THR A 218 -8.12 0.99 35.89
CA THR A 218 -8.11 1.36 34.48
C THR A 218 -7.21 2.54 34.19
N GLY A 219 -6.35 2.42 33.19
CA GLY A 219 -5.40 3.50 32.88
C GLY A 219 -4.35 3.01 31.92
N PHE A 220 -3.49 3.90 31.43
CA PHE A 220 -2.48 3.52 30.44
C PHE A 220 -1.22 2.89 31.03
N SER A 221 -1.17 2.73 32.34
CA SER A 221 -0.09 2.00 32.98
C SER A 221 -0.65 1.13 34.10
N LEU A 222 0.12 0.12 34.51
CA LEU A 222 -0.36 -0.85 35.50
C LEU A 222 -0.49 -0.22 36.86
N PRO A 223 -1.52 -0.60 37.64
CA PRO A 223 -1.55 -0.19 39.06
C PRO A 223 -0.28 -0.66 39.77
N LEU A 224 -0.03 -0.13 40.97
CA LEU A 224 1.16 -0.51 41.71
C LEU A 224 1.27 -2.02 41.94
N ASP A 225 0.15 -2.66 42.23
CA ASP A 225 0.15 -4.12 42.42
C ASP A 225 -0.30 -4.85 41.14
N GLY A 226 -0.10 -4.23 39.98
CA GLY A 226 -0.66 -4.75 38.74
C GLY A 226 0.08 -5.87 38.04
N ALA A 227 1.40 -5.88 38.14
CA ALA A 227 2.20 -6.83 37.37
C ALA A 227 1.81 -8.30 37.58
N SER A 228 1.52 -8.68 38.82
CA SER A 228 1.15 -10.06 39.09
C SER A 228 -0.26 -10.38 38.61
N ARG A 229 -1.05 -9.37 38.26
CA ARG A 229 -2.44 -9.58 37.84
C ARG A 229 -2.64 -9.53 36.32
N LEU A 230 -1.59 -9.10 35.64
CA LEU A 230 -1.61 -8.94 34.19
C LEU A 230 -1.71 -10.27 33.45
N MET A 231 -2.77 -10.44 32.66
CA MET A 231 -2.96 -11.65 31.90
C MET A 231 -1.94 -11.76 30.79
N GLU A 232 -1.48 -12.97 30.50
CA GLU A 232 -0.52 -13.15 29.42
C GLU A 232 -1.24 -12.98 28.09
N VAL A 233 -0.55 -12.43 27.09
CA VAL A 233 -1.18 -12.23 25.78
C VAL A 233 -0.56 -13.16 24.74
N TYR A 234 -1.41 -13.78 23.94
CA TYR A 234 -0.99 -14.77 22.98
C TYR A 234 -1.34 -14.36 21.57
N GLY A 235 -0.81 -15.08 20.60
CA GLY A 235 -1.26 -14.95 19.22
C GLY A 235 -0.18 -14.41 18.31
N MET A 236 -0.40 -14.57 17.01
CA MET A 236 0.60 -14.19 16.03
C MET A 236 0.24 -13.02 15.12
N ARG A 237 -0.83 -12.30 15.42
CA ARG A 237 -1.17 -11.14 14.60
C ARG A 237 -0.01 -10.14 14.63
N SER A 238 0.30 -9.58 13.47
CA SER A 238 1.34 -8.59 13.38
C SER A 238 0.69 -7.20 13.36
N LEU A 239 0.84 -6.49 14.47
CA LEU A 239 0.15 -5.22 14.62
C LEU A 239 0.71 -4.11 13.72
N HIS A 240 1.94 -4.24 13.24
CA HIS A 240 2.53 -3.13 12.49
C HIS A 240 3.55 -3.58 11.43
N GLY A 241 3.75 -4.89 11.29
CA GLY A 241 4.59 -5.41 10.22
C GLY A 241 3.85 -5.44 8.89
N LEU A 242 4.53 -5.90 7.84
CA LEU A 242 3.90 -6.05 6.53
C LEU A 242 2.54 -6.74 6.70
N PRO A 243 1.45 -6.09 6.24
CA PRO A 243 0.15 -6.70 6.46
C PRO A 243 0.03 -8.08 5.83
N ALA A 244 -0.55 -9.04 6.56
CA ALA A 244 -0.63 -10.43 6.07
C ALA A 244 -1.64 -10.62 4.94
N LEU A 245 -1.31 -11.53 4.04
CA LEU A 245 -2.21 -11.84 2.92
C LEU A 245 -3.24 -12.89 3.30
N LYS A 246 -3.02 -13.54 4.44
CA LYS A 246 -4.00 -14.47 5.00
C LYS A 246 -3.81 -14.52 6.50
N PRO A 247 -4.84 -14.92 7.23
CA PRO A 247 -4.79 -14.82 8.69
C PRO A 247 -3.65 -15.63 9.26
N ALA A 248 -2.97 -15.08 10.25
CA ALA A 248 -1.96 -15.82 10.98
C ALA A 248 -2.58 -17.08 11.58
N PRO A 249 -1.81 -18.18 11.64
CA PRO A 249 -2.40 -19.36 12.26
C PRO A 249 -2.72 -19.09 13.73
N HIS A 250 -3.82 -19.68 14.21
CA HIS A 250 -4.29 -19.47 15.57
C HIS A 250 -3.55 -20.40 16.49
N VAL A 251 -2.46 -19.92 17.07
CA VAL A 251 -1.60 -20.73 17.90
C VAL A 251 -1.40 -20.02 19.23
N LEU A 252 -1.62 -20.74 20.32
CA LEU A 252 -1.44 -20.20 21.66
C LEU A 252 0.03 -20.12 22.04
N VAL A 253 0.71 -19.11 21.51
CA VAL A 253 2.10 -18.80 21.82
C VAL A 253 2.14 -17.35 22.30
N PRO A 254 2.98 -17.04 23.30
CA PRO A 254 2.97 -15.66 23.78
C PRO A 254 3.29 -14.67 22.66
N ALA A 255 2.65 -13.51 22.69
CA ALA A 255 2.85 -12.46 21.67
C ALA A 255 3.94 -11.48 22.10
N ASP A 256 4.75 -11.05 21.13
CA ASP A 256 5.78 -10.06 21.40
C ASP A 256 5.25 -8.68 21.03
N LEU A 257 5.04 -7.83 22.02
CA LEU A 257 4.47 -6.51 21.81
C LEU A 257 5.53 -5.44 21.55
N GLY A 258 6.79 -5.84 21.59
CA GLY A 258 7.89 -4.90 21.39
C GLY A 258 7.74 -3.75 22.35
N SER A 259 7.80 -2.53 21.83
CA SER A 259 7.66 -1.37 22.71
C SER A 259 6.38 -0.57 22.42
N SER A 260 5.38 -1.25 21.86
CA SER A 260 4.16 -0.59 21.43
C SER A 260 3.14 -0.45 22.56
N HIS A 261 3.34 -1.15 23.67
CA HIS A 261 2.30 -1.20 24.71
C HIS A 261 2.96 -1.28 26.09
N PRO A 262 3.73 -0.24 26.46
CA PRO A 262 4.45 -0.26 27.74
C PRO A 262 3.53 -0.43 28.95
N THR A 263 4.08 -1.03 30.01
CA THR A 263 3.32 -1.32 31.23
C THR A 263 3.52 -0.25 32.29
N ASP A 264 4.63 0.47 32.22
CA ASP A 264 4.92 1.46 33.28
C ASP A 264 5.52 2.77 32.77
N ASP A 265 4.96 3.31 31.69
CA ASP A 265 5.39 4.59 31.14
C ASP A 265 4.37 5.66 31.53
N PRO A 266 4.78 6.58 32.43
CA PRO A 266 3.83 7.55 32.97
C PRO A 266 3.32 8.56 31.93
N ASP A 267 3.93 8.57 30.74
CA ASP A 267 3.48 9.50 29.69
C ASP A 267 2.79 8.81 28.51
N PHE A 268 2.82 7.49 28.49
CA PHE A 268 2.08 6.71 27.49
C PHE A 268 0.58 7.04 27.60
N ARG A 269 0.02 7.51 26.50
CA ARG A 269 -1.42 7.74 26.42
C ARG A 269 -1.80 7.78 24.94
N ARG A 270 -2.99 7.27 24.61
CA ARG A 270 -3.42 7.10 23.21
C ARG A 270 -4.93 7.21 23.18
N GLY A 271 -5.50 7.32 21.98
CA GLY A 271 -6.97 7.44 21.87
C GLY A 271 -7.61 6.13 21.43
N GLY A 272 -6.87 5.33 20.65
CA GLY A 272 -7.46 4.17 20.00
C GLY A 272 -7.10 2.82 20.61
N HIS A 273 -6.16 2.82 21.55
CA HIS A 273 -5.70 1.61 22.24
C HIS A 273 -4.85 2.00 23.44
N GLY A 274 -4.33 1.02 24.16
CA GLY A 274 -3.34 1.29 25.22
C GLY A 274 -3.84 1.19 26.65
N LEU A 275 -5.14 1.27 26.87
CA LEU A 275 -5.66 1.07 28.23
C LEU A 275 -5.50 -0.36 28.75
N TYR A 276 -5.15 -0.45 30.03
CA TYR A 276 -5.35 -1.67 30.82
C TYR A 276 -6.64 -1.52 31.59
N SER A 277 -7.38 -2.60 31.75
CA SER A 277 -8.59 -2.54 32.57
C SER A 277 -8.90 -3.93 33.11
N THR A 278 -10.04 -4.05 33.79
CA THR A 278 -10.44 -5.32 34.35
C THR A 278 -11.88 -5.59 33.94
N LEU A 279 -12.34 -6.82 34.06
CA LEU A 279 -13.74 -7.12 33.73
C LEU A 279 -14.70 -6.23 34.53
N ASP A 280 -14.46 -6.13 35.83
CA ASP A 280 -15.33 -5.33 36.70
C ASP A 280 -15.34 -3.84 36.32
N ASP A 281 -14.17 -3.25 36.09
CA ASP A 281 -14.10 -1.84 35.68
C ASP A 281 -14.87 -1.62 34.38
N TYR A 282 -14.66 -2.50 33.40
CA TYR A 282 -15.29 -2.25 32.09
C TYR A 282 -16.80 -2.40 32.20
N MET A 283 -17.27 -3.33 33.03
CA MET A 283 -18.71 -3.48 33.22
C MET A 283 -19.35 -2.22 33.82
N ALA A 284 -18.61 -1.53 34.69
CA ALA A 284 -19.06 -0.25 35.23
C ALA A 284 -19.28 0.78 34.10
N PHE A 285 -18.30 0.88 33.20
CA PHE A 285 -18.47 1.76 32.02
C PHE A 285 -19.67 1.34 31.16
N ALA A 286 -19.71 0.06 30.78
CA ALA A 286 -20.82 -0.45 29.96
C ALA A 286 -22.20 -0.20 30.57
N ASN A 287 -22.37 -0.51 31.86
CA ASN A 287 -23.64 -0.22 32.55
C ASN A 287 -24.02 1.25 32.53
N MET A 288 -23.03 2.11 32.73
CA MET A 288 -23.27 3.55 32.69
C MET A 288 -23.88 3.98 31.34
N LEU A 289 -23.43 3.34 30.26
CA LEU A 289 -23.90 3.66 28.90
C LEU A 289 -25.40 3.39 28.65
N LEU A 290 -26.03 2.66 29.56
CA LEU A 290 -27.46 2.42 29.48
C LEU A 290 -28.25 3.66 29.85
N SER A 291 -27.62 4.57 30.59
CA SER A 291 -28.34 5.74 31.10
C SER A 291 -27.55 7.04 31.07
N GLY A 292 -26.22 6.96 31.01
CA GLY A 292 -25.40 8.16 31.11
C GLY A 292 -25.14 8.61 32.54
N GLN A 293 -25.55 7.79 33.51
CA GLN A 293 -25.39 8.08 34.94
C GLN A 293 -24.51 7.08 35.68
N THR A 294 -23.91 7.53 36.80
CA THR A 294 -23.23 6.61 37.69
C THR A 294 -24.30 5.89 38.50
N PRO A 295 -23.95 4.74 39.09
CA PRO A 295 -24.93 3.99 39.89
C PRO A 295 -25.61 4.86 40.94
N GLU A 296 -24.85 5.78 41.53
CA GLU A 296 -25.36 6.73 42.54
C GLU A 296 -26.31 7.75 41.94
N GLY A 297 -26.15 8.02 40.64
CA GLY A 297 -27.01 8.98 39.97
C GLY A 297 -26.35 10.27 39.52
N GLU A 298 -25.02 10.38 39.65
CA GLU A 298 -24.30 11.48 39.01
C GLU A 298 -24.43 11.35 37.49
N THR A 299 -24.75 12.44 36.81
CA THR A 299 -24.84 12.44 35.36
C THR A 299 -23.46 12.64 34.75
N LEU A 300 -22.95 11.63 34.07
CA LEU A 300 -21.73 11.86 33.29
C LEU A 300 -22.08 12.47 31.94
N LEU A 301 -23.23 12.09 31.39
CA LEU A 301 -23.67 12.62 30.08
C LEU A 301 -25.19 12.68 30.04
N SER A 302 -25.75 13.85 29.70
CA SER A 302 -27.20 14.01 29.66
C SER A 302 -27.85 13.04 28.69
N PRO A 303 -29.12 12.69 28.93
CA PRO A 303 -29.83 11.83 28.00
C PRO A 303 -29.85 12.35 26.57
N ALA A 304 -29.97 13.68 26.38
CA ALA A 304 -29.99 14.20 25.00
C ALA A 304 -28.67 13.95 24.23
N VAL A 305 -27.55 14.19 24.90
CA VAL A 305 -26.28 14.00 24.22
C VAL A 305 -25.90 12.52 24.11
N LEU A 306 -26.30 11.71 25.09
CA LEU A 306 -26.10 10.27 24.98
C LEU A 306 -26.89 9.74 23.78
N LYS A 307 -28.12 10.20 23.63
CA LYS A 307 -28.91 9.82 22.45
C LYS A 307 -28.23 10.28 21.13
N LEU A 308 -27.73 11.51 21.12
CA LEU A 308 -26.94 12.00 19.99
C LEU A 308 -25.75 11.05 19.66
N ALA A 309 -25.11 10.54 20.70
CA ALA A 309 -23.93 9.68 20.53
C ALA A 309 -24.27 8.27 20.05
N LEU A 310 -25.43 7.77 20.40
CA LEU A 310 -25.77 6.38 20.10
C LEU A 310 -26.56 6.23 18.79
N ALA A 311 -27.11 7.32 18.27
CA ALA A 311 -27.96 7.22 17.06
C ALA A 311 -27.11 6.79 15.88
N PRO A 312 -27.66 5.95 14.99
CA PRO A 312 -26.91 5.47 13.85
C PRO A 312 -26.50 6.66 12.98
N ARG A 313 -25.21 6.77 12.65
CA ARG A 313 -24.68 7.99 12.06
C ARG A 313 -23.99 7.71 10.72
N VAL A 314 -23.38 6.52 10.59
CA VAL A 314 -22.80 6.08 9.34
C VAL A 314 -23.52 4.81 8.87
N HIS A 315 -24.04 4.86 7.65
CA HIS A 315 -24.80 3.77 7.10
C HIS A 315 -24.03 3.19 5.93
N PHE A 316 -24.01 1.86 5.81
CA PHE A 316 -23.17 1.21 4.81
C PHE A 316 -23.94 0.62 3.62
N GLY A 317 -23.25 0.47 2.49
CA GLY A 317 -23.89 0.17 1.19
C GLY A 317 -23.68 -1.22 0.59
N ALA A 318 -24.52 -2.15 1.01
CA ALA A 318 -24.53 -3.50 0.43
C ALA A 318 -23.31 -4.29 0.87
N ARG A 319 -22.11 -3.75 0.59
CA ARG A 319 -20.88 -4.34 1.13
C ARG A 319 -20.91 -4.34 2.66
N GLY A 320 -21.66 -3.40 3.24
CA GLY A 320 -21.75 -3.32 4.71
C GLY A 320 -20.49 -2.76 5.35
N MET A 321 -20.52 -2.62 6.67
CA MET A 321 -19.34 -2.23 7.43
C MET A 321 -18.29 -3.31 7.37
N ARG A 322 -17.06 -2.95 6.99
CA ARG A 322 -15.95 -3.93 6.97
C ARG A 322 -14.67 -3.32 7.52
N ILE A 323 -13.85 -4.15 8.18
CA ILE A 323 -12.52 -3.72 8.59
C ILE A 323 -11.54 -4.79 8.10
N ASN A 324 -10.58 -4.39 7.27
CA ASN A 324 -9.69 -5.36 6.63
C ASN A 324 -10.52 -6.46 5.96
N ASP A 325 -11.63 -6.06 5.35
CA ASP A 325 -12.53 -6.96 4.62
C ASP A 325 -13.32 -7.96 5.49
N GLU A 326 -13.19 -7.89 6.81
CA GLU A 326 -14.08 -8.68 7.71
C GLU A 326 -15.37 -7.93 7.99
N PRO A 327 -16.52 -8.62 7.89
CA PRO A 327 -17.81 -7.95 7.97
C PRO A 327 -18.31 -7.74 9.41
N PHE A 328 -19.11 -6.69 9.58
CA PHE A 328 -19.85 -6.49 10.80
C PHE A 328 -21.30 -6.41 10.33
N ALA A 329 -21.91 -7.57 10.19
CA ALA A 329 -23.17 -7.69 9.43
C ALA A 329 -24.35 -7.06 10.16
N GLY A 330 -25.08 -6.16 9.49
CA GLY A 330 -26.25 -5.50 10.11
C GLY A 330 -25.89 -4.37 11.04
N TYR A 331 -24.59 -4.07 11.19
CA TYR A 331 -24.17 -2.94 12.02
C TYR A 331 -23.99 -1.64 11.24
N SER A 332 -24.41 -0.55 11.87
CA SER A 332 -24.03 0.78 11.43
C SER A 332 -23.02 1.31 12.46
N TRP A 333 -22.55 2.55 12.28
CA TRP A 333 -21.60 3.15 13.21
C TRP A 333 -22.19 4.40 13.85
N ASN A 334 -22.03 4.53 15.18
CA ASN A 334 -22.44 5.76 15.86
C ASN A 334 -21.19 6.45 16.42
N LEU A 335 -21.35 7.46 17.29
CA LEU A 335 -20.16 8.22 17.72
C LEU A 335 -19.23 7.42 18.66
N LEU A 336 -19.71 6.28 19.16
CA LEU A 336 -18.95 5.47 20.13
C LEU A 336 -18.47 4.10 19.62
N GLY A 337 -19.01 3.65 18.49
CA GLY A 337 -18.64 2.34 17.93
C GLY A 337 -19.80 1.75 17.12
N ARG A 338 -19.99 0.44 17.19
CA ARG A 338 -20.97 -0.23 16.32
C ARG A 338 -22.38 -0.11 16.90
N VAL A 339 -23.38 -0.19 16.03
CA VAL A 339 -24.76 -0.23 16.53
C VAL A 339 -25.60 -1.08 15.58
N MET A 340 -26.33 -2.02 16.14
CA MET A 340 -27.18 -2.94 15.36
C MET A 340 -28.41 -2.22 14.80
N THR A 341 -28.50 -2.19 13.47
CA THR A 341 -29.59 -1.49 12.78
C THR A 341 -30.47 -2.41 11.93
N ASP A 342 -30.11 -3.68 11.81
CA ASP A 342 -30.97 -4.60 11.06
C ASP A 342 -30.70 -6.03 11.52
N VAL A 343 -31.54 -6.53 12.43
CA VAL A 343 -31.42 -7.90 12.94
C VAL A 343 -31.53 -8.93 11.80
N GLY A 344 -32.33 -8.62 10.78
CA GLY A 344 -32.44 -9.51 9.61
C GLY A 344 -31.19 -9.58 8.72
N ALA A 345 -30.24 -8.70 8.99
CA ALA A 345 -28.92 -8.80 8.34
C ALA A 345 -27.82 -9.30 9.31
N ALA A 346 -28.13 -9.39 10.60
CA ALA A 346 -27.16 -9.79 11.63
C ALA A 346 -26.65 -11.22 11.40
N ALA A 347 -25.38 -11.45 11.75
CA ALA A 347 -24.78 -12.79 11.58
C ALA A 347 -24.69 -13.56 12.89
N TYR A 348 -25.19 -12.97 13.96
CA TYR A 348 -25.29 -13.63 15.27
C TYR A 348 -26.28 -12.90 16.16
N ALA A 349 -26.82 -13.59 17.15
CA ALA A 349 -27.97 -13.08 17.92
C ALA A 349 -27.70 -11.72 18.54
N THR A 350 -28.73 -10.89 18.53
CA THR A 350 -28.62 -9.50 18.92
C THR A 350 -30.02 -8.90 18.94
N HIS A 351 -30.16 -7.65 19.35
CA HIS A 351 -31.41 -6.93 19.19
C HIS A 351 -31.15 -5.57 18.56
N LEU A 352 -32.18 -5.01 17.93
CA LEU A 352 -32.07 -3.68 17.36
C LEU A 352 -31.56 -2.72 18.41
N GLY A 353 -30.50 -1.98 18.09
CA GLY A 353 -29.97 -0.98 19.01
C GLY A 353 -28.81 -1.43 19.88
N GLU A 354 -28.50 -2.72 19.84
CA GLU A 354 -27.35 -3.24 20.58
C GLU A 354 -26.10 -2.52 20.09
N PHE A 355 -25.22 -2.12 21.00
CA PHE A 355 -24.06 -1.36 20.58
C PHE A 355 -22.81 -1.73 21.42
N GLY A 356 -21.64 -1.32 20.94
CA GLY A 356 -20.40 -1.46 21.72
C GLY A 356 -19.23 -1.57 20.77
N TRP A 357 -18.14 -2.17 21.23
CA TRP A 357 -17.00 -2.35 20.37
C TRP A 357 -16.16 -3.53 20.91
N SER A 358 -14.88 -3.60 20.53
CA SER A 358 -14.03 -4.75 20.82
C SER A 358 -12.56 -4.32 20.71
N GLY A 359 -11.64 -5.22 21.05
CA GLY A 359 -10.21 -4.89 20.99
C GLY A 359 -9.45 -5.99 20.28
N ALA A 360 -8.25 -5.67 19.80
CA ALA A 360 -7.41 -6.56 19.02
C ALA A 360 -7.10 -7.90 19.72
N ALA A 361 -7.05 -7.87 21.04
CA ALA A 361 -6.74 -9.10 21.82
C ALA A 361 -7.99 -9.90 22.19
N ALA A 362 -9.05 -9.66 21.44
CA ALA A 362 -10.29 -10.45 21.49
C ALA A 362 -11.23 -10.08 22.63
N THR A 363 -10.91 -9.02 23.37
CA THR A 363 -11.85 -8.48 24.35
C THR A 363 -13.07 -7.95 23.58
N TYR A 364 -14.26 -8.04 24.19
CA TYR A 364 -15.50 -7.67 23.52
C TYR A 364 -16.55 -7.26 24.55
N PHE A 365 -17.35 -6.24 24.24
CA PHE A 365 -18.47 -5.88 25.11
C PHE A 365 -19.67 -5.42 24.29
N TRP A 366 -20.85 -5.48 24.88
CA TRP A 366 -22.04 -4.98 24.24
C TRP A 366 -22.98 -4.42 25.28
N VAL A 367 -23.85 -3.53 24.82
CA VAL A 367 -24.93 -2.99 25.62
C VAL A 367 -26.22 -3.19 24.83
N ASP A 368 -27.25 -3.75 25.47
CA ASP A 368 -28.49 -4.06 24.76
C ASP A 368 -29.64 -3.40 25.51
N PRO A 369 -30.06 -2.20 25.05
CA PRO A 369 -31.05 -1.38 25.74
C PRO A 369 -32.44 -2.05 25.79
N THR A 370 -32.77 -2.86 24.79
CA THR A 370 -34.05 -3.57 24.84
C THR A 370 -34.12 -4.59 25.98
N LYS A 371 -32.97 -5.04 26.49
CA LYS A 371 -32.98 -5.98 27.61
C LYS A 371 -32.37 -5.37 28.87
N ASN A 372 -32.05 -4.08 28.86
CA ASN A 372 -31.31 -3.47 29.97
C ASN A 372 -30.08 -4.28 30.33
N MET A 373 -29.36 -4.75 29.31
CA MET A 373 -28.35 -5.77 29.48
C MET A 373 -27.00 -5.21 29.05
N THR A 374 -25.94 -5.58 29.78
CA THR A 374 -24.59 -5.41 29.26
C THR A 374 -23.85 -6.72 29.40
N GLY A 375 -22.79 -6.89 28.60
CA GLY A 375 -21.98 -8.09 28.64
C GLY A 375 -20.55 -7.73 28.25
N CYS A 376 -19.58 -8.43 28.83
CA CYS A 376 -18.20 -8.26 28.47
C CYS A 376 -17.49 -9.60 28.55
N VAL A 377 -16.69 -9.93 27.54
CA VAL A 377 -15.76 -11.04 27.67
C VAL A 377 -14.34 -10.49 27.59
N MET A 378 -13.51 -10.92 28.54
CA MET A 378 -12.10 -10.55 28.58
C MET A 378 -11.23 -11.77 28.33
N THR A 379 -10.26 -11.61 27.43
CA THR A 379 -9.30 -12.66 27.13
C THR A 379 -8.14 -11.94 26.45
N GLN A 380 -7.05 -12.64 26.19
CA GLN A 380 -5.90 -12.01 25.49
C GLN A 380 -5.41 -12.88 24.35
N PHE A 381 -5.94 -12.61 23.16
CA PHE A 381 -5.44 -13.30 21.98
C PHE A 381 -5.43 -12.37 20.79
N LEU A 382 -4.24 -12.10 20.27
CA LEU A 382 -4.09 -11.24 19.11
C LEU A 382 -4.20 -12.02 17.80
N GLY A 383 -5.16 -11.64 16.97
CA GLY A 383 -5.35 -12.31 15.68
C GLY A 383 -6.15 -13.60 15.78
N SER A 384 -7.15 -13.61 16.65
CA SER A 384 -7.95 -14.84 16.80
C SER A 384 -8.66 -15.21 15.50
N GLN A 385 -8.62 -16.50 15.15
CA GLN A 385 -9.45 -16.97 14.04
C GLN A 385 -10.83 -17.40 14.55
N HIS A 386 -11.05 -17.23 15.85
CA HIS A 386 -12.34 -17.60 16.46
C HIS A 386 -12.99 -16.37 17.10
N PRO A 387 -14.20 -16.04 16.67
CA PRO A 387 -14.86 -14.81 17.11
C PRO A 387 -15.52 -15.00 18.48
N ILE A 388 -14.69 -15.16 19.51
CA ILE A 388 -15.16 -15.48 20.85
C ILE A 388 -16.13 -14.40 21.36
N GLY A 389 -15.84 -13.13 21.09
CA GLY A 389 -16.76 -12.06 21.50
C GLY A 389 -18.20 -12.26 21.02
N SER A 390 -18.36 -12.44 19.71
CA SER A 390 -19.70 -12.68 19.16
C SER A 390 -20.36 -13.98 19.65
N ASP A 391 -19.55 -15.03 19.85
CA ASP A 391 -20.05 -16.30 20.40
C ASP A 391 -20.60 -16.13 21.82
N MET A 392 -19.90 -15.34 22.65
CA MET A 392 -20.35 -15.09 24.00
C MET A 392 -21.59 -14.20 24.00
N GLN A 393 -21.62 -13.18 23.14
CA GLN A 393 -22.83 -12.39 23.04
C GLN A 393 -24.03 -13.26 22.65
N ALA A 394 -23.87 -14.10 21.64
CA ALA A 394 -24.96 -14.95 21.13
C ALA A 394 -25.46 -15.87 22.24
N ALA A 395 -24.52 -16.42 23.00
CA ALA A 395 -24.85 -17.27 24.15
C ALA A 395 -25.67 -16.49 25.19
N ALA A 396 -25.19 -15.31 25.58
CA ALA A 396 -25.98 -14.49 26.51
C ALA A 396 -27.37 -14.13 25.95
N MET A 397 -27.45 -13.70 24.69
CA MET A 397 -28.75 -13.39 24.07
C MET A 397 -29.71 -14.57 24.18
N SER A 398 -29.19 -15.75 23.89
CA SER A 398 -29.97 -16.98 23.91
C SER A 398 -30.48 -17.31 25.30
N MET A 399 -29.80 -16.78 26.31
CA MET A 399 -30.11 -17.11 27.70
C MET A 399 -31.07 -16.12 28.38
N LEU A 400 -31.38 -15.02 27.70
CA LEU A 400 -32.12 -13.92 28.34
C LEU A 400 -33.51 -13.65 27.77
N GLY A 401 -34.12 -14.64 27.13
CA GLY A 401 -35.51 -14.49 26.68
C GLY A 401 -35.75 -13.44 25.61
N PRO B 14 17.93 27.22 -36.02
CA PRO B 14 19.13 26.94 -35.24
C PRO B 14 19.17 25.50 -34.70
N ASP B 15 20.27 25.14 -34.06
CA ASP B 15 20.46 23.79 -33.54
C ASP B 15 19.79 23.69 -32.17
N LEU B 16 18.48 23.51 -32.20
CA LEU B 16 17.70 23.45 -30.97
C LEU B 16 18.18 22.33 -30.06
N LEU B 17 18.59 21.20 -30.64
CA LEU B 17 19.02 20.04 -29.84
C LEU B 17 20.21 20.39 -28.95
N THR B 18 21.24 20.96 -29.56
CA THR B 18 22.39 21.46 -28.81
C THR B 18 22.02 22.48 -27.74
N ASN B 19 21.19 23.46 -28.07
CA ASN B 19 20.78 24.43 -27.07
C ASN B 19 20.14 23.75 -25.86
N VAL B 20 19.28 22.77 -26.12
CA VAL B 20 18.61 22.06 -25.02
C VAL B 20 19.61 21.32 -24.15
N ALA B 21 20.47 20.55 -24.80
CA ALA B 21 21.44 19.73 -24.08
C ALA B 21 22.45 20.59 -23.33
N GLU B 22 22.94 21.64 -23.98
CA GLU B 22 23.92 22.51 -23.32
C GLU B 22 23.29 23.27 -22.15
N ASN B 23 22.03 23.69 -22.30
CA ASN B 23 21.39 24.35 -21.18
C ASN B 23 21.28 23.43 -19.96
N TYR B 24 20.90 22.17 -20.20
CA TYR B 24 20.81 21.17 -19.13
C TYR B 24 22.16 20.92 -18.44
N VAL B 25 23.23 20.77 -19.23
CA VAL B 25 24.57 20.68 -18.65
C VAL B 25 24.97 21.95 -17.87
N ASN B 26 24.75 23.12 -18.47
CA ASN B 26 25.15 24.37 -17.82
C ASN B 26 24.36 24.66 -16.56
N GLN B 27 23.17 24.09 -16.44
CA GLN B 27 22.38 24.34 -15.24
C GLN B 27 22.58 23.27 -14.18
N ASP B 28 23.57 22.42 -14.38
CA ASP B 28 23.93 21.35 -13.45
C ASP B 28 22.77 20.39 -13.22
N LEU B 29 21.99 20.14 -14.27
CA LEU B 29 20.86 19.23 -14.19
C LEU B 29 21.20 17.81 -14.68
N PHE B 30 22.10 17.71 -15.66
CA PHE B 30 22.57 16.42 -16.15
C PHE B 30 24.09 16.46 -16.32
N ALA B 31 24.76 15.35 -16.03
CA ALA B 31 26.22 15.29 -16.18
C ALA B 31 26.66 15.29 -17.64
N GLY B 32 26.04 14.43 -18.44
CA GLY B 32 26.48 14.19 -19.81
C GLY B 32 25.30 13.65 -20.62
N ILE B 33 25.21 14.09 -21.88
CA ILE B 33 24.10 13.74 -22.73
C ILE B 33 24.63 13.44 -24.12
N GLU B 34 24.19 12.35 -24.75
CA GLU B 34 24.44 12.13 -26.17
C GLU B 34 23.13 11.99 -26.91
N TRP B 35 23.10 12.43 -28.17
CA TRP B 35 21.91 12.24 -28.97
C TRP B 35 22.27 11.97 -30.42
N ARG B 36 21.38 11.24 -31.10
CA ARG B 36 21.42 11.10 -32.55
C ARG B 36 20.03 10.94 -33.10
N ILE B 37 19.79 11.58 -34.24
CA ILE B 37 18.55 11.46 -34.97
C ILE B 37 18.92 11.02 -36.38
N ASP B 38 18.30 9.94 -36.85
CA ASP B 38 18.51 9.45 -38.20
C ASP B 38 17.25 9.67 -39.04
N GLN B 39 17.46 9.86 -40.34
CA GLN B 39 16.36 9.82 -41.27
C GLN B 39 16.78 8.89 -42.38
N ASP B 40 15.87 8.02 -42.80
CA ASP B 40 16.18 7.05 -43.83
C ASP B 40 17.43 6.27 -43.46
N GLY B 41 17.63 6.08 -42.17
CA GLY B 41 18.67 5.19 -41.69
C GLY B 41 20.07 5.80 -41.63
N LYS B 42 20.15 7.11 -41.83
CA LYS B 42 21.42 7.84 -41.70
C LYS B 42 21.28 9.07 -40.80
N PRO B 43 22.34 9.37 -40.02
CA PRO B 43 22.32 10.50 -39.09
C PRO B 43 22.08 11.81 -39.81
N ILE B 44 21.14 12.60 -39.29
CA ILE B 44 20.98 13.96 -39.75
C ILE B 44 21.33 14.96 -38.64
N PHE B 45 21.13 14.58 -37.38
CA PHE B 45 21.55 15.41 -36.24
C PHE B 45 22.24 14.53 -35.21
N GLN B 46 23.33 15.03 -34.64
CA GLN B 46 23.91 14.35 -33.49
C GLN B 46 24.80 15.28 -32.69
N GLY B 47 25.10 14.87 -31.47
CA GLY B 47 25.96 15.67 -30.62
C GLY B 47 26.14 15.07 -29.25
N CYS B 48 26.91 15.76 -28.42
CA CYS B 48 27.07 15.38 -27.04
C CYS B 48 27.31 16.63 -26.21
N ALA B 49 27.01 16.58 -24.92
CA ALA B 49 27.27 17.71 -24.05
C ALA B 49 27.67 17.19 -22.70
N GLY B 50 28.54 17.92 -22.02
CA GLY B 50 28.94 17.54 -20.67
C GLY B 50 29.96 16.44 -20.65
N VAL B 51 29.92 15.62 -19.61
CA VAL B 51 31.01 14.72 -19.26
C VAL B 51 30.49 13.35 -18.80
N LYS B 52 31.37 12.36 -18.77
CA LYS B 52 31.04 11.05 -18.23
C LYS B 52 30.63 11.12 -16.75
N ASP B 53 31.38 11.91 -15.99
CA ASP B 53 31.17 12.02 -14.56
C ASP B 53 31.65 13.39 -14.12
N ILE B 54 30.91 14.03 -13.21
CA ILE B 54 31.27 15.39 -12.79
C ILE B 54 32.39 15.39 -11.75
N GLU B 55 32.62 14.23 -11.15
CA GLU B 55 33.63 14.14 -10.13
C GLU B 55 35.03 14.33 -10.75
N THR B 56 35.31 13.67 -11.86
CA THR B 56 36.61 13.85 -12.54
C THR B 56 36.52 14.59 -13.88
N ARG B 57 35.31 14.88 -14.30
CA ARG B 57 35.08 15.58 -15.56
C ARG B 57 35.82 14.95 -16.73
N THR B 58 35.86 13.62 -16.73
CA THR B 58 36.27 12.89 -17.92
C THR B 58 35.26 13.17 -19.04
N PHE B 59 35.72 13.40 -20.26
CA PHE B 59 34.83 13.54 -21.41
C PHE B 59 34.03 12.25 -21.65
N ILE B 60 32.85 12.39 -22.24
CA ILE B 60 32.08 11.22 -22.63
C ILE B 60 32.93 10.36 -23.58
N PRO B 61 33.18 9.10 -23.21
CA PRO B 61 34.03 8.29 -24.10
C PRO B 61 33.39 7.91 -25.43
N LYS B 62 34.22 7.48 -26.36
CA LYS B 62 33.73 6.88 -27.56
C LYS B 62 32.96 5.60 -27.19
N ASN B 63 31.81 5.39 -27.80
CA ASN B 63 30.95 4.24 -27.47
C ASN B 63 30.64 4.17 -25.96
N ALA B 64 30.21 5.30 -25.40
CA ALA B 64 29.87 5.36 -23.98
C ALA B 64 28.69 4.45 -23.70
N ILE B 65 28.69 3.85 -22.51
CA ILE B 65 27.72 2.79 -22.15
C ILE B 65 26.71 3.31 -21.12
N TYR B 66 25.43 3.00 -21.36
CA TYR B 66 24.38 3.50 -20.49
C TYR B 66 23.53 2.36 -19.95
N ARG B 67 23.03 2.52 -18.73
CA ARG B 67 21.96 1.67 -18.23
C ARG B 67 20.67 2.20 -18.83
N ILE B 68 20.04 1.41 -19.70
CA ILE B 68 18.89 1.89 -20.44
C ILE B 68 17.54 1.56 -19.76
N TYR B 69 17.64 0.89 -18.61
CA TYR B 69 16.46 0.49 -17.84
C TYR B 69 15.33 0.02 -18.76
N SER B 70 14.17 0.70 -18.73
CA SER B 70 12.99 0.15 -19.43
C SER B 70 13.04 0.25 -20.96
N MET B 71 14.13 0.80 -21.48
CA MET B 71 14.35 0.67 -22.92
C MET B 71 14.75 -0.77 -23.24
N THR B 72 14.94 -1.57 -22.19
CA THR B 72 15.01 -3.02 -22.35
C THR B 72 13.64 -3.59 -22.81
N LYS B 73 12.54 -2.94 -22.41
CA LYS B 73 11.21 -3.55 -22.69
C LYS B 73 10.86 -3.70 -24.17
N PRO B 74 11.11 -2.66 -24.97
CA PRO B 74 10.75 -2.85 -26.39
C PRO B 74 11.59 -3.97 -27.05
N ILE B 75 12.84 -4.12 -26.63
CA ILE B 75 13.71 -5.19 -27.13
C ILE B 75 13.17 -6.58 -26.75
N VAL B 76 12.86 -6.78 -25.47
CA VAL B 76 12.34 -8.06 -25.04
C VAL B 76 10.96 -8.29 -25.68
N SER B 77 10.18 -7.22 -25.84
CA SER B 77 8.87 -7.36 -26.50
C SER B 77 9.05 -7.74 -27.97
N PHE B 78 10.03 -7.13 -28.64
CA PHE B 78 10.28 -7.48 -30.04
C PHE B 78 10.67 -8.96 -30.14
N LEU B 79 11.53 -9.42 -29.24
CA LEU B 79 11.87 -10.85 -29.19
C LEU B 79 10.63 -11.75 -29.06
N ALA B 80 9.72 -11.39 -28.15
CA ALA B 80 8.48 -12.16 -28.04
C ALA B 80 7.71 -12.19 -29.36
N MET B 81 7.66 -11.08 -30.10
CA MET B 81 6.99 -11.08 -31.39
C MET B 81 7.66 -12.05 -32.38
N MET B 82 8.99 -12.12 -32.33
CA MET B 82 9.73 -13.03 -33.19
C MET B 82 9.36 -14.48 -32.85
N LEU B 83 9.30 -14.78 -31.55
CA LEU B 83 8.92 -16.12 -31.13
C LEU B 83 7.47 -16.43 -31.47
N ILE B 84 6.59 -15.42 -31.45
CA ILE B 84 5.21 -15.63 -31.89
C ILE B 84 5.20 -15.95 -33.39
N GLU B 85 5.95 -15.19 -34.17
CA GLU B 85 6.01 -15.44 -35.61
C GLU B 85 6.52 -16.85 -35.91
N ARG B 86 7.46 -17.30 -35.09
CA ARG B 86 8.06 -18.64 -35.24
C ARG B 86 7.22 -19.76 -34.65
N GLY B 87 6.12 -19.42 -34.00
CA GLY B 87 5.19 -20.43 -33.51
C GLY B 87 5.45 -21.00 -32.13
N VAL B 88 6.38 -20.39 -31.39
CA VAL B 88 6.70 -20.88 -30.04
C VAL B 88 5.51 -20.73 -29.09
N PHE B 89 4.79 -19.61 -29.22
CA PHE B 89 3.55 -19.39 -28.47
C PHE B 89 2.73 -18.33 -29.22
N ARG B 90 1.57 -17.96 -28.70
CA ARG B 90 0.78 -16.94 -29.38
C ARG B 90 0.24 -15.91 -28.37
N LEU B 91 -0.25 -14.77 -28.88
CA LEU B 91 -0.71 -13.70 -28.01
C LEU B 91 -1.70 -14.22 -26.97
N SER B 92 -2.56 -15.15 -27.37
CA SER B 92 -3.59 -15.66 -26.49
C SER B 92 -3.12 -16.84 -25.60
N SER B 93 -1.84 -17.23 -25.67
CA SER B 93 -1.36 -18.38 -24.88
C SER B 93 -1.41 -18.04 -23.37
N PRO B 94 -2.09 -18.88 -22.57
CA PRO B 94 -2.04 -18.64 -21.13
C PRO B 94 -0.64 -18.94 -20.57
N ILE B 95 -0.06 -18.02 -19.79
CA ILE B 95 1.30 -18.21 -19.30
C ILE B 95 1.44 -19.43 -18.38
N GLN B 96 0.36 -19.81 -17.71
CA GLN B 96 0.39 -20.98 -16.81
C GLN B 96 0.74 -22.28 -17.56
N ASN B 97 0.49 -22.32 -18.87
CA ASN B 97 0.85 -23.46 -19.70
C ASN B 97 2.36 -23.69 -19.70
N PHE B 98 3.13 -22.62 -19.45
CA PHE B 98 4.59 -22.69 -19.51
C PHE B 98 5.21 -22.68 -18.11
N ASP B 99 4.56 -22.03 -17.16
CA ASP B 99 4.99 -22.09 -15.77
C ASP B 99 3.77 -22.18 -14.88
N PRO B 100 3.48 -23.39 -14.37
CA PRO B 100 2.29 -23.63 -13.54
C PRO B 100 2.27 -22.89 -12.21
N ARG B 101 3.38 -22.23 -11.86
CA ARG B 101 3.39 -21.43 -10.63
C ARG B 101 2.43 -20.24 -10.80
N PHE B 102 2.06 -19.95 -12.04
CA PHE B 102 1.13 -18.86 -12.33
C PHE B 102 -0.32 -19.34 -12.54
N LYS B 103 -0.60 -20.58 -12.19
CA LYS B 103 -1.99 -21.04 -12.09
C LYS B 103 -2.56 -20.43 -10.81
N SER B 104 -3.87 -20.35 -10.74
CA SER B 104 -4.54 -19.88 -9.52
C SER B 104 -3.93 -18.59 -8.97
N MET B 105 -4.00 -17.52 -9.74
CA MET B 105 -3.61 -16.21 -9.22
C MET B 105 -4.76 -15.64 -8.41
N LYS B 106 -4.43 -14.74 -7.48
CA LYS B 106 -5.43 -14.02 -6.70
C LYS B 106 -5.33 -12.55 -7.07
N VAL B 107 -6.36 -11.80 -6.70
CA VAL B 107 -6.44 -10.37 -6.96
C VAL B 107 -6.75 -9.66 -5.65
N ILE B 108 -5.92 -8.66 -5.30
CA ILE B 108 -6.14 -7.89 -4.11
C ILE B 108 -6.72 -6.52 -4.44
N ASP B 109 -7.49 -5.92 -3.55
CA ASP B 109 -7.89 -4.53 -3.75
C ASP B 109 -7.49 -3.58 -2.60
N GLN B 110 -7.80 -2.30 -2.77
CA GLN B 110 -7.41 -1.27 -1.82
C GLN B 110 -8.22 -1.36 -0.52
N HIS B 111 -9.24 -2.21 -0.50
CA HIS B 111 -10.07 -2.40 0.70
C HIS B 111 -9.72 -3.71 1.41
N ALA B 112 -8.53 -4.25 1.11
CA ALA B 112 -8.04 -5.49 1.73
C ALA B 112 -8.74 -6.77 1.25
N HIS B 113 -9.57 -6.66 0.21
CA HIS B 113 -10.30 -7.82 -0.24
C HIS B 113 -9.48 -8.58 -1.26
N ILE B 114 -9.39 -9.89 -1.04
CA ILE B 114 -8.68 -10.79 -1.92
C ILE B 114 -9.66 -11.84 -2.50
N GLU B 115 -9.55 -12.10 -3.80
CA GLU B 115 -10.38 -13.12 -4.44
C GLU B 115 -9.59 -13.75 -5.58
N PRO B 116 -10.03 -14.93 -6.07
CA PRO B 116 -9.35 -15.60 -7.18
C PRO B 116 -9.50 -14.77 -8.45
N ALA B 117 -8.45 -14.75 -9.28
CA ALA B 117 -8.53 -14.09 -10.59
C ALA B 117 -9.60 -14.77 -11.42
N THR B 118 -10.35 -14.01 -12.21
CA THR B 118 -11.38 -14.64 -12.99
C THR B 118 -10.99 -14.88 -14.45
N ALA B 119 -9.74 -14.55 -14.78
CA ALA B 119 -9.22 -14.80 -16.12
C ALA B 119 -7.75 -15.18 -16.03
N LEU B 120 -7.31 -16.01 -16.96
CA LEU B 120 -5.91 -16.43 -17.01
C LEU B 120 -5.04 -15.35 -17.64
N ILE B 121 -3.83 -15.18 -17.12
CA ILE B 121 -2.88 -14.27 -17.73
C ILE B 121 -2.33 -14.83 -19.05
N THR B 122 -2.34 -14.00 -20.10
CA THR B 122 -1.83 -14.42 -21.40
C THR B 122 -0.56 -13.66 -21.77
N ILE B 123 0.14 -14.15 -22.79
CA ILE B 123 1.26 -13.43 -23.38
C ILE B 123 0.85 -12.00 -23.73
N GLU B 124 -0.31 -11.85 -24.37
CA GLU B 124 -0.77 -10.49 -24.73
C GLU B 124 -0.91 -9.59 -23.52
N HIS B 125 -1.46 -10.11 -22.43
CA HIS B 125 -1.58 -9.33 -21.20
C HIS B 125 -0.23 -8.84 -20.72
N LEU B 126 0.79 -9.69 -20.83
CA LEU B 126 2.13 -9.31 -20.35
C LEU B 126 2.68 -8.16 -21.19
N LEU B 127 2.55 -8.29 -22.50
CA LEU B 127 3.08 -7.29 -23.44
C LEU B 127 2.31 -5.97 -23.32
N THR B 128 1.05 -6.03 -22.88
CA THR B 128 0.27 -4.79 -22.78
C THR B 128 0.18 -4.23 -21.36
N HIS B 129 0.87 -4.84 -20.39
CA HIS B 129 0.74 -4.46 -18.99
C HIS B 129 -0.72 -4.47 -18.51
N GLN B 130 -1.49 -5.44 -19.00
CA GLN B 130 -2.86 -5.64 -18.51
C GLN B 130 -3.00 -6.95 -17.77
N ALA B 131 -1.89 -7.47 -17.25
CA ALA B 131 -1.93 -8.74 -16.51
C ALA B 131 -2.35 -8.56 -15.05
N GLY B 132 -2.23 -7.34 -14.53
CA GLY B 132 -2.48 -7.10 -13.10
C GLY B 132 -1.27 -7.06 -12.18
N PHE B 133 -0.07 -7.19 -12.74
CA PHE B 133 1.14 -7.05 -11.93
C PHE B 133 1.37 -5.58 -11.63
N SER B 134 2.28 -5.29 -10.72
CA SER B 134 2.59 -3.89 -10.38
C SER B 134 4.11 -3.74 -10.38
N TYR B 135 4.63 -2.89 -9.51
CA TYR B 135 6.07 -2.63 -9.42
C TYR B 135 6.39 -2.25 -7.99
N ASP B 136 7.59 -2.63 -7.52
CA ASP B 136 8.01 -2.35 -6.15
C ASP B 136 7.86 -0.86 -5.76
N PHE B 137 8.12 0.04 -6.70
CA PHE B 137 8.20 1.47 -6.39
C PHE B 137 6.86 2.18 -6.60
N SER B 138 5.80 1.41 -6.83
CA SER B 138 4.52 2.02 -7.17
C SER B 138 3.84 2.59 -5.92
N LEU B 139 3.66 3.91 -5.92
CA LEU B 139 3.08 4.63 -4.79
C LEU B 139 1.57 4.41 -4.68
N GLY B 140 1.10 4.06 -3.48
CA GLY B 140 -0.35 3.92 -3.24
C GLY B 140 -0.92 2.56 -3.67
N CYS B 141 -0.05 1.72 -4.24
CA CYS B 141 -0.43 0.41 -4.77
C CYS B 141 -0.84 -0.57 -3.67
N PRO B 142 -1.92 -1.33 -3.91
CA PRO B 142 -2.37 -2.29 -2.91
C PRO B 142 -1.37 -3.44 -2.71
N ILE B 143 -0.44 -3.67 -3.64
CA ILE B 143 0.52 -4.78 -3.49
C ILE B 143 2.03 -4.39 -3.43
N SER B 144 2.39 -3.16 -3.82
CA SER B 144 3.83 -2.84 -3.92
C SER B 144 4.63 -3.06 -2.62
N ALA B 145 4.01 -2.90 -1.45
CA ALA B 145 4.70 -3.26 -0.20
C ALA B 145 5.19 -4.71 -0.17
N HIS B 146 4.38 -5.62 -0.69
CA HIS B 146 4.78 -7.03 -0.70
C HIS B 146 5.87 -7.29 -1.73
N TYR B 147 5.90 -6.51 -2.82
CA TYR B 147 7.00 -6.60 -3.76
C TYR B 147 8.28 -6.12 -3.06
N ARG B 148 8.19 -5.00 -2.37
CA ARG B 148 9.37 -4.45 -1.68
C ARG B 148 9.90 -5.41 -0.64
N ASP B 149 9.01 -5.98 0.17
CA ASP B 149 9.41 -6.94 1.19
C ASP B 149 10.11 -8.13 0.52
N ALA B 150 9.62 -8.53 -0.64
CA ALA B 150 10.20 -9.67 -1.38
C ALA B 150 11.49 -9.30 -2.14
N GLN B 151 11.83 -8.01 -2.15
CA GLN B 151 13.05 -7.51 -2.83
C GLN B 151 13.11 -7.88 -4.32
N LEU B 152 11.97 -7.81 -5.01
CA LEU B 152 11.95 -8.26 -6.40
C LEU B 152 12.93 -7.48 -7.30
N ILE B 153 12.87 -6.16 -7.20
CA ILE B 153 13.77 -5.28 -7.94
C ILE B 153 15.14 -5.15 -7.27
N GLU B 154 15.12 -5.02 -5.94
CA GLU B 154 16.34 -4.84 -5.14
C GLU B 154 17.39 -5.95 -5.34
N ASP B 155 16.94 -7.19 -5.38
CA ASP B 155 17.83 -8.35 -5.37
C ASP B 155 18.22 -8.73 -6.79
N GLY B 156 19.10 -7.91 -7.40
CA GLY B 156 19.56 -8.16 -8.76
C GLY B 156 20.33 -9.48 -8.89
N GLY B 157 20.93 -9.93 -7.80
CA GLY B 157 21.71 -11.19 -7.80
C GLY B 157 20.86 -12.45 -7.86
N ARG B 158 19.56 -12.32 -7.55
CA ARG B 158 18.67 -13.47 -7.63
C ARG B 158 18.39 -13.84 -9.09
N ASP B 159 18.53 -15.12 -9.39
CA ASP B 159 18.25 -15.59 -10.72
C ASP B 159 16.81 -15.25 -11.14
N LEU B 160 16.64 -14.85 -12.40
CA LEU B 160 15.30 -14.57 -12.95
C LEU B 160 14.25 -15.61 -12.55
N THR B 161 14.57 -16.88 -12.80
CA THR B 161 13.68 -18.01 -12.50
C THR B 161 13.18 -18.05 -11.05
N ASP B 162 14.09 -17.79 -10.11
CA ASP B 162 13.76 -17.83 -8.69
C ASP B 162 12.97 -16.59 -8.31
N MET B 163 13.35 -15.44 -8.84
CA MET B 163 12.57 -14.22 -8.55
C MET B 163 11.10 -14.42 -8.97
N MET B 164 10.90 -15.03 -10.13
CA MET B 164 9.54 -15.31 -10.62
C MET B 164 8.73 -16.21 -9.68
N GLY B 165 9.38 -17.19 -9.08
CA GLY B 165 8.69 -18.04 -8.10
C GLY B 165 8.14 -17.22 -6.93
N VAL B 166 8.90 -16.24 -6.50
CA VAL B 166 8.48 -15.40 -5.40
C VAL B 166 7.34 -14.46 -5.80
N LEU B 167 7.47 -13.84 -6.98
CA LEU B 167 6.43 -12.97 -7.54
C LEU B 167 5.12 -13.74 -7.73
N ALA B 168 5.22 -14.97 -8.23
CA ALA B 168 4.05 -15.78 -8.57
C ALA B 168 3.10 -16.03 -7.41
N GLU B 169 3.62 -15.91 -6.18
CA GLU B 169 2.83 -16.21 -4.99
C GLU B 169 2.03 -15.00 -4.52
N LEU B 170 2.32 -13.83 -5.10
CA LEU B 170 1.64 -12.60 -4.71
C LEU B 170 0.38 -12.33 -5.56
N PRO B 171 -0.61 -11.64 -4.97
CA PRO B 171 -1.81 -11.26 -5.72
C PRO B 171 -1.55 -10.16 -6.75
N LEU B 172 -2.36 -10.19 -7.81
CA LEU B 172 -2.44 -9.14 -8.79
C LEU B 172 -3.27 -8.00 -8.20
N VAL B 173 -3.24 -6.82 -8.84
CA VAL B 173 -4.06 -5.69 -8.39
C VAL B 173 -5.32 -5.41 -9.22
N PHE B 174 -5.56 -6.23 -10.24
CA PHE B 174 -6.84 -6.27 -10.92
C PHE B 174 -6.91 -7.58 -11.70
N HIS B 175 -8.09 -7.91 -12.21
CA HIS B 175 -8.26 -9.16 -12.97
C HIS B 175 -7.63 -9.04 -14.37
N PRO B 176 -6.86 -10.07 -14.78
CA PRO B 176 -6.18 -9.94 -16.06
C PRO B 176 -7.08 -9.51 -17.21
N GLY B 177 -6.60 -8.57 -18.00
CA GLY B 177 -7.35 -8.11 -19.15
C GLY B 177 -8.18 -6.88 -18.85
N THR B 178 -8.42 -6.58 -17.59
CA THR B 178 -9.44 -5.58 -17.29
C THR B 178 -8.98 -4.13 -17.08
N GLN B 179 -7.69 -3.92 -16.82
CA GLN B 179 -7.18 -2.58 -16.58
C GLN B 179 -5.76 -2.51 -17.11
N TRP B 180 -5.15 -1.34 -17.03
CA TRP B 180 -3.76 -1.17 -17.44
C TRP B 180 -2.94 -0.64 -16.26
N LYS B 181 -1.78 -1.24 -16.00
CA LYS B 181 -0.84 -0.65 -15.06
C LYS B 181 0.58 -1.08 -15.39
N TYR B 182 1.42 -0.09 -15.64
CA TYR B 182 2.83 -0.33 -15.90
C TYR B 182 3.43 -1.19 -14.81
N SER B 183 4.19 -2.22 -15.20
CA SER B 183 4.48 -3.32 -14.30
C SER B 183 5.74 -4.14 -14.63
N ILE B 184 6.04 -5.01 -13.69
CA ILE B 184 7.03 -6.06 -13.79
C ILE B 184 6.64 -7.17 -14.80
N SER B 185 5.57 -6.97 -15.58
CA SER B 185 5.14 -8.02 -16.51
C SER B 185 6.12 -8.33 -17.66
N THR B 186 6.99 -7.39 -18.04
CA THR B 186 7.96 -7.70 -19.10
C THR B 186 9.00 -8.69 -18.55
N ASP B 187 9.23 -8.65 -17.24
CA ASP B 187 10.14 -9.61 -16.63
C ASP B 187 9.49 -11.00 -16.61
N VAL B 188 8.19 -11.02 -16.33
CA VAL B 188 7.42 -12.26 -16.44
C VAL B 188 7.51 -12.81 -17.86
N LEU B 189 7.43 -11.91 -18.84
CA LEU B 189 7.52 -12.29 -20.24
C LEU B 189 8.89 -12.91 -20.56
N ALA B 190 9.97 -12.25 -20.12
CA ALA B 190 11.31 -12.83 -20.29
C ALA B 190 11.38 -14.24 -19.70
N HIS B 191 10.86 -14.40 -18.50
CA HIS B 191 10.83 -15.73 -17.87
C HIS B 191 10.03 -16.78 -18.65
N ILE B 192 8.83 -16.38 -19.10
CA ILE B 192 7.97 -17.27 -19.87
C ILE B 192 8.63 -17.68 -21.18
N ILE B 193 9.30 -16.73 -21.83
CA ILE B 193 10.13 -17.03 -23.01
C ILE B 193 11.13 -18.14 -22.69
N GLU B 194 11.81 -18.03 -21.55
CA GLU B 194 12.76 -19.09 -21.19
C GLU B 194 12.05 -20.42 -21.03
N CYS B 195 10.88 -20.43 -20.36
CA CYS B 195 10.13 -21.67 -20.17
C CYS B 195 9.69 -22.26 -21.50
N ALA B 196 9.25 -21.40 -22.41
CA ALA B 196 8.70 -21.85 -23.67
C ALA B 196 9.77 -22.40 -24.60
N THR B 197 10.98 -21.84 -24.51
CA THR B 197 12.02 -22.16 -25.48
C THR B 197 13.05 -23.16 -24.95
N GLY B 198 13.15 -23.28 -23.62
CA GLY B 198 14.26 -24.00 -23.04
C GLY B 198 15.59 -23.26 -23.18
N GLU B 199 15.54 -22.00 -23.63
CA GLU B 199 16.74 -21.19 -23.70
C GLU B 199 16.72 -20.00 -22.75
N ARG B 200 17.88 -19.41 -22.49
CA ARG B 200 17.97 -18.22 -21.65
C ARG B 200 17.66 -16.95 -22.48
N VAL B 201 17.05 -15.96 -21.87
CA VAL B 201 16.63 -14.77 -22.63
C VAL B 201 17.82 -13.96 -23.17
N ASP B 202 18.94 -13.95 -22.44
CA ASP B 202 20.10 -13.20 -22.92
C ASP B 202 20.71 -13.86 -24.17
N ASP B 203 20.75 -15.19 -24.20
CA ASP B 203 21.21 -15.94 -25.37
C ASP B 203 20.29 -15.76 -26.56
N LEU B 204 18.98 -15.79 -26.31
CA LEU B 204 18.02 -15.54 -27.39
C LEU B 204 18.18 -14.13 -27.97
N LEU B 205 18.29 -13.14 -27.09
CA LEU B 205 18.46 -11.77 -27.54
C LEU B 205 19.72 -11.62 -28.38
N GLN B 206 20.82 -12.18 -27.86
CA GLN B 206 22.11 -12.14 -28.57
C GLN B 206 21.97 -12.68 -30.00
N ARG B 207 21.41 -13.88 -30.11
CA ARG B 207 21.34 -14.58 -31.39
C ARG B 207 20.32 -14.01 -32.36
N LEU B 208 19.18 -13.56 -31.83
CA LEU B 208 18.08 -13.22 -32.72
C LEU B 208 18.04 -11.74 -33.05
N ILE B 209 18.59 -10.89 -32.16
CA ILE B 209 18.51 -9.44 -32.37
C ILE B 209 19.89 -8.73 -32.36
N PHE B 210 20.67 -8.92 -31.30
CA PHE B 210 21.91 -8.13 -31.18
C PHE B 210 22.91 -8.45 -32.31
N ASP B 211 23.24 -9.73 -32.48
CA ASP B 211 24.19 -10.13 -33.51
C ASP B 211 23.78 -9.66 -34.91
N PRO B 212 22.54 -9.95 -35.34
CA PRO B 212 22.12 -9.50 -36.66
C PRO B 212 22.17 -7.99 -36.84
N LEU B 213 21.95 -7.23 -35.77
CA LEU B 213 21.98 -5.78 -35.88
C LEU B 213 23.35 -5.21 -35.55
N ASP B 214 24.33 -6.10 -35.38
CA ASP B 214 25.67 -5.70 -34.96
C ASP B 214 25.68 -4.81 -33.71
N MET B 215 24.85 -5.16 -32.73
CA MET B 215 24.83 -4.45 -31.45
C MET B 215 25.77 -5.10 -30.45
N GLN B 216 27.08 -4.93 -30.69
CA GLN B 216 28.13 -5.64 -29.95
C GLN B 216 28.28 -5.15 -28.53
N ASP B 217 27.79 -3.96 -28.24
CA ASP B 217 27.92 -3.42 -26.89
C ASP B 217 26.68 -3.55 -26.00
N THR B 218 25.71 -4.34 -26.41
CA THR B 218 24.43 -4.40 -25.70
C THR B 218 24.31 -5.73 -24.96
N GLY B 219 24.05 -5.68 -23.66
CA GLY B 219 23.90 -6.90 -22.87
C GLY B 219 23.62 -6.59 -21.42
N PHE B 220 23.43 -7.64 -20.61
CA PHE B 220 23.16 -7.52 -19.17
C PHE B 220 24.42 -7.47 -18.33
N SER B 221 25.59 -7.58 -18.97
CA SER B 221 26.85 -7.38 -18.30
C SER B 221 27.78 -6.53 -19.18
N LEU B 222 28.83 -5.97 -18.59
CA LEU B 222 29.71 -5.08 -19.35
C LEU B 222 30.63 -5.87 -20.28
N PRO B 223 30.94 -5.32 -21.45
CA PRO B 223 32.05 -5.86 -22.25
C PRO B 223 33.32 -5.87 -21.40
N LEU B 224 34.28 -6.70 -21.76
CA LEU B 224 35.56 -6.76 -21.06
C LEU B 224 36.25 -5.39 -20.95
N ASP B 225 36.13 -4.57 -21.99
CA ASP B 225 36.70 -3.21 -21.99
C ASP B 225 35.64 -2.16 -21.66
N GLY B 226 34.56 -2.56 -21.00
CA GLY B 226 33.46 -1.64 -20.78
C GLY B 226 33.52 -0.77 -19.54
N ALA B 227 34.26 -1.20 -18.52
CA ALA B 227 34.28 -0.44 -17.26
C ALA B 227 34.61 1.02 -17.45
N SER B 228 35.57 1.33 -18.31
CA SER B 228 36.01 2.71 -18.44
C SER B 228 35.04 3.52 -19.29
N ARG B 229 34.12 2.82 -19.95
CA ARG B 229 33.14 3.46 -20.84
C ARG B 229 31.75 3.66 -20.23
N LEU B 230 31.53 3.05 -19.07
CA LEU B 230 30.25 3.16 -18.36
C LEU B 230 30.00 4.56 -17.82
N MET B 231 28.92 5.20 -18.26
CA MET B 231 28.59 6.53 -17.74
C MET B 231 28.20 6.48 -16.27
N GLU B 232 28.52 7.51 -15.50
CA GLU B 232 28.10 7.54 -14.10
C GLU B 232 26.61 7.88 -14.03
N VAL B 233 25.92 7.36 -13.03
CA VAL B 233 24.49 7.57 -12.88
C VAL B 233 24.19 8.42 -11.64
N TYR B 234 23.34 9.41 -11.82
CA TYR B 234 23.04 10.38 -10.78
C TYR B 234 21.55 10.34 -10.42
N GLY B 235 21.20 10.99 -9.31
CA GLY B 235 19.79 11.18 -8.95
C GLY B 235 19.39 10.49 -7.68
N MET B 236 18.26 10.88 -7.13
CA MET B 236 17.81 10.31 -5.86
C MET B 236 16.55 9.46 -5.89
N ARG B 237 16.04 9.11 -7.06
CA ARG B 237 14.74 8.42 -7.13
C ARG B 237 14.65 7.21 -6.18
N SER B 238 13.44 6.94 -5.66
CA SER B 238 13.19 5.86 -4.70
C SER B 238 12.77 4.55 -5.38
N LEU B 239 13.73 3.83 -5.97
CA LEU B 239 13.42 2.69 -6.84
C LEU B 239 12.89 1.40 -6.15
N HIS B 240 13.28 1.16 -4.90
CA HIS B 240 12.76 -0.02 -4.21
C HIS B 240 12.45 0.25 -2.73
N GLY B 241 12.80 1.45 -2.25
CA GLY B 241 12.46 1.85 -0.89
C GLY B 241 11.03 2.39 -0.80
N LEU B 242 10.66 2.89 0.37
CA LEU B 242 9.34 3.46 0.53
C LEU B 242 9.06 4.50 -0.58
N PRO B 243 7.99 4.31 -1.36
CA PRO B 243 7.71 5.25 -2.44
C PRO B 243 7.53 6.68 -1.94
N ALA B 244 8.20 7.63 -2.60
CA ALA B 244 8.18 9.03 -2.17
C ALA B 244 6.85 9.71 -2.42
N LEU B 245 6.46 10.60 -1.52
CA LEU B 245 5.20 11.33 -1.64
C LEU B 245 5.35 12.54 -2.56
N LYS B 246 6.59 12.90 -2.87
CA LYS B 246 6.86 13.97 -3.84
C LYS B 246 8.26 13.73 -4.39
N PRO B 247 8.54 14.25 -5.58
CA PRO B 247 9.81 13.88 -6.22
C PRO B 247 10.99 14.37 -5.42
N ALA B 248 12.05 13.56 -5.36
CA ALA B 248 13.27 13.97 -4.69
C ALA B 248 13.82 15.18 -5.43
N PRO B 249 14.59 16.01 -4.72
CA PRO B 249 15.23 17.16 -5.35
C PRO B 249 16.12 16.70 -6.50
N HIS B 250 16.09 17.45 -7.60
CA HIS B 250 16.88 17.12 -8.77
C HIS B 250 18.30 17.62 -8.53
N VAL B 251 19.17 16.76 -8.01
CA VAL B 251 20.55 17.13 -7.74
C VAL B 251 21.52 16.09 -8.28
N LEU B 252 22.62 16.55 -8.88
CA LEU B 252 23.59 15.65 -9.45
C LEU B 252 24.46 15.07 -8.37
N VAL B 253 23.95 14.06 -7.68
CA VAL B 253 24.73 13.28 -6.74
C VAL B 253 24.70 11.84 -7.24
N PRO B 254 25.86 11.14 -7.23
CA PRO B 254 25.82 9.76 -7.72
C PRO B 254 24.75 8.91 -7.05
N ALA B 255 24.07 8.08 -7.85
CA ALA B 255 23.00 7.22 -7.34
C ALA B 255 23.56 5.90 -6.80
N ASP B 256 22.96 5.40 -5.73
CA ASP B 256 23.33 4.11 -5.18
C ASP B 256 22.37 3.05 -5.68
N LEU B 257 22.87 2.13 -6.51
CA LEU B 257 22.03 1.10 -7.10
C LEU B 257 22.00 -0.19 -6.27
N GLY B 258 22.71 -0.18 -5.13
CA GLY B 258 22.83 -1.39 -4.30
C GLY B 258 23.25 -2.60 -5.11
N SER B 259 22.51 -3.69 -4.99
CA SER B 259 22.78 -4.89 -5.79
C SER B 259 21.73 -5.14 -6.88
N SER B 260 21.01 -4.09 -7.26
CA SER B 260 19.89 -4.17 -8.22
C SER B 260 20.35 -4.25 -9.68
N HIS B 261 21.59 -3.87 -9.97
CA HIS B 261 21.99 -3.68 -11.36
C HIS B 261 23.46 -4.03 -11.57
N PRO B 262 23.84 -5.30 -11.37
CA PRO B 262 25.28 -5.67 -11.42
C PRO B 262 25.93 -5.38 -12.76
N THR B 263 27.24 -5.12 -12.73
CA THR B 263 28.00 -4.85 -13.93
C THR B 263 28.56 -6.12 -14.56
N ASP B 264 28.78 -7.16 -13.75
CA ASP B 264 29.49 -8.34 -14.25
C ASP B 264 28.99 -9.65 -13.65
N ASP B 265 27.67 -9.84 -13.64
CA ASP B 265 27.06 -11.07 -13.17
C ASP B 265 26.66 -11.84 -14.44
N PRO B 266 27.34 -12.95 -14.73
CA PRO B 266 27.07 -13.65 -15.98
C PRO B 266 25.66 -14.28 -16.04
N ASP B 267 24.96 -14.30 -14.92
CA ASP B 267 23.62 -14.88 -14.91
C ASP B 267 22.50 -13.85 -14.77
N PHE B 268 22.88 -12.59 -14.58
CA PHE B 268 21.90 -11.50 -14.47
C PHE B 268 21.18 -11.32 -15.79
N ARG B 269 19.86 -11.45 -15.76
CA ARG B 269 19.04 -11.18 -16.95
C ARG B 269 17.61 -10.86 -16.50
N ARG B 270 16.97 -9.91 -17.16
CA ARG B 270 15.63 -9.44 -16.79
C ARG B 270 14.85 -9.09 -18.05
N GLY B 271 13.55 -8.84 -17.93
CA GLY B 271 12.77 -8.44 -19.09
C GLY B 271 12.48 -6.95 -19.12
N GLY B 272 12.34 -6.34 -17.94
CA GLY B 272 11.90 -4.95 -17.86
C GLY B 272 13.00 -3.90 -17.69
N HIS B 273 14.22 -4.34 -17.44
CA HIS B 273 15.35 -3.45 -17.23
C HIS B 273 16.61 -4.31 -17.19
N GLY B 274 17.78 -3.68 -16.99
CA GLY B 274 18.99 -4.44 -16.79
C GLY B 274 20.00 -4.41 -17.93
N LEU B 275 19.56 -4.09 -19.16
CA LEU B 275 20.51 -3.95 -20.28
C LEU B 275 21.44 -2.72 -20.19
N TYR B 276 22.71 -2.94 -20.57
CA TYR B 276 23.62 -1.84 -20.87
C TYR B 276 23.60 -1.70 -22.37
N SER B 277 23.64 -0.48 -22.87
CA SER B 277 23.75 -0.30 -24.33
C SER B 277 24.50 0.98 -24.60
N THR B 278 24.63 1.30 -25.89
CA THR B 278 25.24 2.54 -26.33
C THR B 278 24.27 3.27 -27.26
N LEU B 279 24.51 4.55 -27.50
CA LEU B 279 23.70 5.31 -28.47
C LEU B 279 23.66 4.65 -29.84
N ASP B 280 24.83 4.30 -30.35
CA ASP B 280 24.90 3.65 -31.66
C ASP B 280 24.13 2.32 -31.69
N ASP B 281 24.31 1.49 -30.67
CA ASP B 281 23.59 0.20 -30.65
C ASP B 281 22.07 0.44 -30.61
N TYR B 282 21.63 1.34 -29.74
CA TYR B 282 20.17 1.53 -29.63
C TYR B 282 19.60 2.13 -30.91
N MET B 283 20.39 2.97 -31.59
CA MET B 283 19.93 3.53 -32.86
C MET B 283 19.72 2.46 -33.93
N ALA B 284 20.58 1.45 -33.95
CA ALA B 284 20.43 0.33 -34.86
C ALA B 284 19.10 -0.43 -34.61
N PHE B 285 18.76 -0.63 -33.34
CA PHE B 285 17.49 -1.26 -33.01
C PHE B 285 16.31 -0.40 -33.45
N ALA B 286 16.34 0.89 -33.11
CA ALA B 286 15.31 1.84 -33.53
C ALA B 286 15.11 1.89 -35.06
N ASN B 287 16.21 2.04 -35.80
CA ASN B 287 16.13 2.06 -37.25
C ASN B 287 15.47 0.80 -37.81
N MET B 288 15.79 -0.35 -37.20
CA MET B 288 15.20 -1.62 -37.64
C MET B 288 13.65 -1.62 -37.52
N LEU B 289 13.14 -0.95 -36.48
CA LEU B 289 11.70 -0.92 -36.20
C LEU B 289 10.92 -0.18 -37.27
N LEU B 290 11.64 0.55 -38.13
CA LEU B 290 10.96 1.22 -39.23
C LEU B 290 10.53 0.22 -40.31
N SER B 291 11.13 -0.97 -40.31
CA SER B 291 10.92 -1.91 -41.39
C SER B 291 10.86 -3.38 -40.95
N GLY B 292 11.44 -3.72 -39.79
CA GLY B 292 11.56 -5.14 -39.40
C GLY B 292 12.75 -5.87 -40.02
N GLN B 293 13.64 -5.11 -40.68
CA GLN B 293 14.84 -5.66 -41.34
C GLN B 293 16.19 -5.10 -40.82
N THR B 294 17.26 -5.84 -41.03
CA THR B 294 18.60 -5.28 -40.85
C THR B 294 18.89 -4.32 -42.00
N PRO B 295 19.97 -3.53 -41.88
CA PRO B 295 20.34 -2.63 -42.97
C PRO B 295 20.66 -3.40 -44.26
N GLU B 296 21.17 -4.62 -44.14
CA GLU B 296 21.46 -5.45 -45.31
C GLU B 296 20.19 -6.01 -45.95
N GLY B 297 19.07 -5.98 -45.24
CA GLY B 297 17.82 -6.51 -45.78
C GLY B 297 17.37 -7.84 -45.22
N GLU B 298 18.07 -8.35 -44.20
CA GLU B 298 17.63 -9.55 -43.51
C GLU B 298 16.39 -9.26 -42.66
N THR B 299 15.36 -10.08 -42.82
CA THR B 299 14.11 -9.90 -42.04
C THR B 299 14.22 -10.42 -40.61
N LEU B 300 14.01 -9.56 -39.62
CA LEU B 300 13.92 -10.06 -38.25
C LEU B 300 12.47 -10.32 -37.90
N LEU B 301 11.57 -9.46 -38.37
CA LEU B 301 10.11 -9.67 -38.16
C LEU B 301 9.37 -9.29 -39.43
N SER B 302 8.39 -10.09 -39.84
CA SER B 302 7.64 -9.79 -41.07
C SER B 302 6.86 -8.48 -40.95
N PRO B 303 6.57 -7.84 -42.09
CA PRO B 303 5.77 -6.65 -42.09
C PRO B 303 4.42 -6.88 -41.38
N ALA B 304 3.78 -8.02 -41.62
CA ALA B 304 2.48 -8.29 -40.99
C ALA B 304 2.55 -8.30 -39.46
N VAL B 305 3.56 -8.97 -38.92
CA VAL B 305 3.64 -9.10 -37.48
C VAL B 305 4.16 -7.82 -36.87
N LEU B 306 5.00 -7.08 -37.60
CA LEU B 306 5.41 -5.78 -37.11
C LEU B 306 4.18 -4.84 -37.02
N LYS B 307 3.32 -4.86 -38.03
CA LYS B 307 2.08 -4.05 -38.02
C LYS B 307 1.21 -4.44 -36.79
N LEU B 308 1.12 -5.74 -36.51
CA LEU B 308 0.37 -6.25 -35.35
C LEU B 308 0.97 -5.72 -34.05
N ALA B 309 2.30 -5.67 -33.99
CA ALA B 309 3.01 -5.16 -32.80
C ALA B 309 2.84 -3.67 -32.57
N LEU B 310 2.75 -2.90 -33.66
CA LEU B 310 2.72 -1.44 -33.55
C LEU B 310 1.32 -0.82 -33.45
N ALA B 311 0.31 -1.58 -33.85
CA ALA B 311 -1.06 -1.04 -33.85
C ALA B 311 -1.50 -0.72 -32.44
N PRO B 312 -2.17 0.44 -32.26
CA PRO B 312 -2.68 0.83 -30.94
C PRO B 312 -3.60 -0.26 -30.38
N ARG B 313 -3.26 -0.75 -29.19
CA ARG B 313 -3.89 -1.93 -28.60
C ARG B 313 -4.58 -1.62 -27.28
N VAL B 314 -4.01 -0.70 -26.49
CA VAL B 314 -4.68 -0.26 -25.27
C VAL B 314 -5.01 1.23 -25.41
N HIS B 315 -6.28 1.56 -25.18
CA HIS B 315 -6.77 2.94 -25.30
C HIS B 315 -7.16 3.45 -23.93
N PHE B 316 -6.92 4.74 -23.70
CA PHE B 316 -7.09 5.26 -22.36
C PHE B 316 -8.25 6.26 -22.22
N GLY B 317 -8.83 6.31 -21.02
CA GLY B 317 -9.98 7.15 -20.78
C GLY B 317 -9.61 8.60 -20.62
N ALA B 318 -10.44 9.32 -19.88
CA ALA B 318 -10.30 10.76 -19.71
C ALA B 318 -8.91 11.16 -19.21
N ARG B 319 -8.44 10.49 -18.17
CA ARG B 319 -7.15 10.87 -17.57
C ARG B 319 -5.95 10.41 -18.40
N GLY B 320 -6.21 9.58 -19.41
CA GLY B 320 -5.15 9.17 -20.33
C GLY B 320 -4.22 8.11 -19.74
N MET B 321 -3.13 7.83 -20.44
CA MET B 321 -2.12 6.91 -19.95
C MET B 321 -1.31 7.58 -18.85
N ARG B 322 -1.17 6.92 -17.71
CA ARG B 322 -0.38 7.46 -16.58
C ARG B 322 0.49 6.41 -15.91
N ILE B 323 1.67 6.82 -15.45
CA ILE B 323 2.54 5.96 -14.66
C ILE B 323 2.94 6.74 -13.40
N ASN B 324 2.69 6.18 -12.20
CA ASN B 324 2.83 6.93 -10.94
C ASN B 324 2.18 8.31 -11.10
N ASP B 325 1.05 8.35 -11.79
CA ASP B 325 0.26 9.58 -12.01
C ASP B 325 0.88 10.62 -12.95
N GLU B 326 1.96 10.28 -13.64
CA GLU B 326 2.53 11.20 -14.64
C GLU B 326 1.91 10.88 -15.97
N PRO B 327 1.48 11.90 -16.72
CA PRO B 327 0.74 11.60 -17.95
C PRO B 327 1.63 11.35 -19.17
N PHE B 328 1.09 10.59 -20.11
CA PHE B 328 1.69 10.41 -21.41
C PHE B 328 0.62 10.85 -22.39
N ALA B 329 0.59 12.16 -22.60
CA ALA B 329 -0.53 12.81 -23.28
C ALA B 329 -0.68 12.43 -24.74
N GLY B 330 -1.85 11.92 -25.11
CA GLY B 330 -2.14 11.57 -26.51
C GLY B 330 -1.57 10.23 -26.93
N TYR B 331 -0.91 9.52 -25.99
CA TYR B 331 -0.37 8.18 -26.27
C TYR B 331 -1.30 7.01 -25.89
N SER B 332 -1.31 6.01 -26.77
CA SER B 332 -1.89 4.71 -26.49
C SER B 332 -0.74 3.71 -26.29
N TRP B 333 -1.07 2.45 -26.04
CA TRP B 333 -0.04 1.43 -25.83
C TRP B 333 -0.17 0.38 -26.89
N ASN B 334 0.95 -0.02 -27.48
CA ASN B 334 0.95 -1.14 -28.41
C ASN B 334 1.83 -2.25 -27.80
N LEU B 335 2.17 -3.30 -28.55
CA LEU B 335 2.85 -4.43 -27.93
C LEU B 335 4.32 -4.13 -27.52
N LEU B 336 4.85 -3.00 -28.01
CA LEU B 336 6.25 -2.63 -27.70
C LEU B 336 6.46 -1.42 -26.80
N GLY B 337 5.42 -0.64 -26.54
CA GLY B 337 5.58 0.63 -25.80
C GLY B 337 4.51 1.65 -26.16
N ARG B 338 4.84 2.94 -26.09
CA ARG B 338 3.84 3.98 -26.38
C ARG B 338 3.66 4.18 -27.90
N VAL B 339 2.50 4.70 -28.28
CA VAL B 339 2.27 5.09 -29.68
C VAL B 339 1.32 6.30 -29.72
N MET B 340 1.71 7.33 -30.46
CA MET B 340 0.95 8.58 -30.50
C MET B 340 -0.32 8.37 -31.35
N THR B 341 -1.49 8.53 -30.72
CA THR B 341 -2.75 8.33 -31.44
C THR B 341 -3.58 9.62 -31.55
N ASP B 342 -3.09 10.73 -30.99
CA ASP B 342 -3.83 11.98 -31.11
C ASP B 342 -2.89 13.16 -30.88
N VAL B 343 -2.44 13.75 -31.98
CA VAL B 343 -1.53 14.89 -31.92
C VAL B 343 -2.21 16.06 -31.19
N GLY B 344 -3.53 16.19 -31.37
CA GLY B 344 -4.31 17.22 -30.66
C GLY B 344 -4.35 17.08 -29.13
N ALA B 345 -3.94 15.93 -28.61
CA ALA B 345 -3.82 15.77 -27.16
C ALA B 345 -2.35 15.74 -26.71
N ALA B 346 -1.43 15.66 -27.67
CA ALA B 346 -0.03 15.53 -27.32
C ALA B 346 0.47 16.77 -26.56
N ALA B 347 1.41 16.55 -25.65
CA ALA B 347 2.00 17.65 -24.85
C ALA B 347 3.32 18.15 -25.42
N TYR B 348 3.77 17.56 -26.52
CA TYR B 348 5.02 18.00 -27.18
C TYR B 348 5.07 17.49 -28.60
N ALA B 349 5.85 18.15 -29.46
CA ALA B 349 5.84 17.88 -30.91
C ALA B 349 6.04 16.41 -31.23
N THR B 350 5.27 15.91 -32.19
CA THR B 350 5.22 14.51 -32.53
C THR B 350 4.39 14.36 -33.82
N HIS B 351 4.29 13.16 -34.36
CA HIS B 351 3.30 12.90 -35.42
C HIS B 351 2.51 11.65 -35.10
N LEU B 352 1.33 11.54 -35.69
CA LEU B 352 0.51 10.36 -35.54
C LEU B 352 1.36 9.12 -35.82
N GLY B 353 1.36 8.17 -34.88
CA GLY B 353 2.08 6.91 -35.08
C GLY B 353 3.51 6.86 -34.56
N GLU B 354 4.04 8.01 -34.11
CA GLU B 354 5.35 8.03 -33.45
C GLU B 354 5.29 7.05 -32.28
N PHE B 355 6.31 6.21 -32.13
CA PHE B 355 6.31 5.23 -31.05
C PHE B 355 7.67 5.05 -30.39
N GLY B 356 7.70 4.35 -29.26
CA GLY B 356 8.96 4.09 -28.56
C GLY B 356 8.75 3.95 -27.07
N TRP B 357 9.84 4.09 -26.32
CA TRP B 357 9.75 4.04 -24.87
C TRP B 357 10.93 4.81 -24.26
N SER B 358 11.20 4.57 -22.99
CA SER B 358 12.18 5.33 -22.24
C SER B 358 12.63 4.48 -21.07
N GLY B 359 13.59 5.00 -20.32
CA GLY B 359 14.12 4.29 -19.16
C GLY B 359 14.19 5.22 -17.96
N ALA B 360 14.22 4.62 -16.79
CA ALA B 360 14.28 5.29 -15.51
C ALA B 360 15.42 6.31 -15.40
N ALA B 361 16.55 6.03 -16.06
CA ALA B 361 17.68 6.95 -15.97
C ALA B 361 17.62 8.09 -17.02
N ALA B 362 16.43 8.29 -17.57
CA ALA B 362 16.13 9.39 -18.50
C ALA B 362 16.56 9.14 -19.94
N THR B 363 16.99 7.93 -20.28
CA THR B 363 17.21 7.57 -21.68
C THR B 363 15.85 7.56 -22.39
N TYR B 364 15.81 7.91 -23.68
CA TYR B 364 14.55 8.05 -24.40
C TYR B 364 14.79 7.78 -25.87
N PHE B 365 13.84 7.13 -26.54
CA PHE B 365 13.93 7.04 -27.99
C PHE B 365 12.56 7.09 -28.64
N TRP B 366 12.55 7.37 -29.94
CA TRP B 366 11.32 7.43 -30.70
C TRP B 366 11.55 6.99 -32.13
N VAL B 367 10.49 6.51 -32.74
CA VAL B 367 10.48 6.15 -34.13
C VAL B 367 9.27 6.87 -34.72
N ASP B 368 9.49 7.62 -35.80
CA ASP B 368 8.43 8.40 -36.42
C ASP B 368 8.29 7.95 -37.87
N PRO B 369 7.34 7.02 -38.12
CA PRO B 369 7.25 6.45 -39.47
C PRO B 369 6.84 7.47 -40.53
N THR B 370 6.12 8.52 -40.15
CA THR B 370 5.74 9.52 -41.15
C THR B 370 6.94 10.29 -41.69
N LYS B 371 8.02 10.33 -40.92
CA LYS B 371 9.22 11.05 -41.34
C LYS B 371 10.39 10.12 -41.61
N ASN B 372 10.15 8.81 -41.53
CA ASN B 372 11.21 7.81 -41.63
C ASN B 372 12.37 8.16 -40.70
N MET B 373 12.02 8.57 -39.49
CA MET B 373 12.94 9.23 -38.58
C MET B 373 13.05 8.40 -37.32
N THR B 374 14.24 8.33 -36.73
CA THR B 374 14.39 7.76 -35.40
C THR B 374 15.27 8.71 -34.61
N GLY B 375 15.18 8.64 -33.29
CA GLY B 375 16.02 9.48 -32.45
C GLY B 375 16.22 8.85 -31.09
N CYS B 376 17.34 9.16 -30.47
CA CYS B 376 17.62 8.62 -29.15
C CYS B 376 18.44 9.62 -28.36
N VAL B 377 18.06 9.81 -27.10
CA VAL B 377 18.81 10.61 -26.17
C VAL B 377 19.29 9.68 -25.06
N MET B 378 20.61 9.70 -24.80
CA MET B 378 21.23 8.88 -23.77
C MET B 378 21.84 9.76 -22.71
N THR B 379 21.53 9.44 -21.45
CA THR B 379 22.01 10.17 -20.29
C THR B 379 21.77 9.29 -19.07
N GLN B 380 22.25 9.71 -17.90
CA GLN B 380 22.04 8.90 -16.70
C GLN B 380 21.57 9.72 -15.50
N PHE B 381 20.24 9.84 -15.35
CA PHE B 381 19.69 10.53 -14.20
C PHE B 381 18.41 9.85 -13.72
N LEU B 382 18.44 9.40 -12.47
CA LEU B 382 17.30 8.71 -11.89
C LEU B 382 16.38 9.68 -11.16
N GLY B 383 15.12 9.71 -11.57
CA GLY B 383 14.14 10.56 -10.92
C GLY B 383 14.22 11.99 -11.38
N SER B 384 14.45 12.19 -12.67
CA SER B 384 14.54 13.54 -13.21
C SER B 384 13.25 14.34 -13.11
N GLN B 385 13.34 15.60 -12.71
CA GLN B 385 12.19 16.50 -12.71
C GLN B 385 12.13 17.27 -14.02
N HIS B 386 13.00 16.92 -14.96
CA HIS B 386 13.05 17.59 -16.25
C HIS B 386 12.93 16.55 -17.36
N PRO B 387 11.90 16.68 -18.21
CA PRO B 387 11.65 15.62 -19.20
C PRO B 387 12.57 15.81 -20.41
N ILE B 388 13.86 15.51 -20.24
CA ILE B 388 14.84 15.75 -21.28
C ILE B 388 14.49 14.99 -22.56
N GLY B 389 14.03 13.75 -22.42
CA GLY B 389 13.68 12.94 -23.60
C GLY B 389 12.68 13.65 -24.50
N SER B 390 11.56 14.08 -23.93
CA SER B 390 10.55 14.80 -24.71
C SER B 390 11.04 16.15 -25.24
N ASP B 391 11.88 16.85 -24.46
CA ASP B 391 12.44 18.13 -24.91
C ASP B 391 13.33 17.95 -26.14
N MET B 392 14.09 16.85 -26.17
CA MET B 392 14.96 16.57 -27.31
C MET B 392 14.16 16.08 -28.51
N GLN B 393 13.16 15.22 -28.29
CA GLN B 393 12.28 14.89 -29.40
C GLN B 393 11.65 16.14 -30.00
N ALA B 394 11.16 17.05 -29.16
CA ALA B 394 10.48 18.24 -29.68
C ALA B 394 11.43 19.10 -30.51
N ALA B 395 12.64 19.28 -29.97
CA ALA B 395 13.70 20.01 -30.66
C ALA B 395 13.96 19.41 -32.04
N ALA B 396 14.17 18.09 -32.09
CA ALA B 396 14.39 17.40 -33.37
C ALA B 396 13.21 17.56 -34.33
N MET B 397 11.99 17.38 -33.82
CA MET B 397 10.80 17.55 -34.66
C MET B 397 10.75 18.95 -35.27
N SER B 398 11.11 19.93 -34.47
CA SER B 398 11.08 21.33 -34.87
C SER B 398 12.20 21.64 -35.88
N MET B 399 13.20 20.79 -35.97
CA MET B 399 14.33 21.06 -36.85
C MET B 399 14.15 20.44 -38.22
N LEU B 400 13.17 19.55 -38.36
CA LEU B 400 12.82 19.04 -39.70
C LEU B 400 12.23 20.16 -40.56
P 4NP C . -8.40 -3.23 17.06
O1 4NP C . -7.39 -2.19 16.35
O2 4NP C . -9.75 -2.73 16.61
O3 4NP C . -8.09 -3.10 18.54
O4 4NP C . -8.01 -4.56 16.49
C1 4NP C . -6.12 -1.99 16.78
C2 4NP C . -5.23 -3.07 16.82
C3 4NP C . -3.92 -2.86 17.26
C4 4NP C . -3.51 -1.59 17.63
C5 4NP C . -4.40 -0.51 17.56
C6 4NP C . -5.70 -0.71 17.12
N 4NP C . -2.20 -1.37 18.07
O5 4NP C . -1.90 -0.25 18.44
O6 4NP C . -1.39 -2.27 18.07
P 4NP D . 11.28 2.80 -15.82
O1 4NP D . 10.86 1.68 -14.73
O2 4NP D . 10.11 2.81 -16.78
O3 4NP D . 12.58 2.26 -16.37
O4 4NP D . 11.47 4.04 -14.99
C1 4NP D . 11.77 1.04 -13.94
C2 4NP D . 12.48 1.76 -12.99
C3 4NP D . 13.41 1.11 -12.16
C4 4NP D . 13.60 -0.26 -12.32
C5 4NP D . 12.89 -0.99 -13.27
C6 4NP D . 11.97 -0.33 -14.08
N 4NP D . 14.54 -0.92 -11.51
O5 4NP D . 14.77 -2.09 -11.72
O6 4NP D . 15.10 -0.32 -10.59
#